data_3TEV
#
_entry.id   3TEV
#
_cell.length_a   146.841
_cell.length_b   146.841
_cell.length_c   108.733
_cell.angle_alpha   90.000
_cell.angle_beta   90.000
_cell.angle_gamma   90.000
#
_symmetry.space_group_name_H-M   'I 4'
#
loop_
_entity.id
_entity.type
_entity.pdbx_description
1 polymer 'Glycosyl hyrolase, family 3'
2 water water
#
_entity_poly.entity_id   1
_entity_poly.type   'polypeptide(L)'
_entity_poly.pdbx_seq_one_letter_code
;SNA(MSE)SPISEPSRLDPVRPGQLL(MSE)IDLPGPELDKDTAAYLREHGIGAVCLFGKNVESAEQLRRLCADLREV
(MSE)GEHALIAIDHEGGAITRPEFWPFAPSA(MSE)SLGAADDQQLTEDVNAALARQLRSVGINWNFTPVLDINVNPAN
PVIGDRAYGSDAARVTRHGRAALAGHTREGVAPCAKHFPGHGDTHQDSHLALPRVSKSRAELDAGELAPFRALLPETPAI
(MSE)TAHIVYDALDAEHPATLSPRILTGLLREEWGYDGVIVTDS(MSE)G(MSE)QAIDANYGRGEAAVRALRAGADLV
(MSE)ALGRREVQQATLAAVAEYVPENQAAVATKRERLRALARRFPAQADETLDPQADAALLADA
;
_entity_poly.pdbx_strand_id   A,B
#
# COMPACT_ATOMS: atom_id res chain seq x y z
N SER A 11 -7.96 -4.58 13.96
CA SER A 11 -7.56 -5.90 13.38
C SER A 11 -6.07 -5.95 13.07
N ARG A 12 -5.45 -7.02 13.58
CA ARG A 12 -4.02 -7.35 13.47
C ARG A 12 -3.40 -7.16 12.09
N LEU A 13 -4.11 -7.59 11.06
CA LEU A 13 -3.59 -7.64 9.70
C LEU A 13 -3.70 -6.32 8.97
N ASP A 14 -4.43 -5.36 9.53
CA ASP A 14 -4.80 -4.19 8.76
C ASP A 14 -4.86 -2.97 9.69
N PRO A 15 -3.75 -2.67 10.38
CA PRO A 15 -3.78 -1.53 11.31
C PRO A 15 -4.09 -0.22 10.59
N VAL A 16 -4.71 0.71 11.30
CA VAL A 16 -5.11 1.99 10.69
C VAL A 16 -3.86 2.80 10.38
N ARG A 17 -3.78 3.35 9.18
CA ARG A 17 -2.69 4.24 8.84
C ARG A 17 -3.15 5.69 8.90
N PRO A 18 -2.24 6.63 9.20
CA PRO A 18 -2.64 8.03 9.29
C PRO A 18 -3.27 8.54 7.99
N GLY A 19 -2.77 8.09 6.83
CA GLY A 19 -3.36 8.54 5.55
C GLY A 19 -4.80 8.13 5.33
N GLN A 20 -5.26 7.09 6.04
CA GLN A 20 -6.64 6.61 5.89
C GLN A 20 -7.66 7.52 6.59
N LEU A 21 -7.17 8.54 7.29
CA LEU A 21 -8.04 9.48 8.00
C LEU A 21 -8.01 10.88 7.37
N LEU A 22 -7.37 10.99 6.20
CA LEU A 22 -7.27 12.29 5.54
C LEU A 22 -7.93 12.32 4.18
N MSE A 23 -8.44 13.48 3.81
CA MSE A 23 -8.96 13.73 2.48
C MSE A 23 -8.09 14.87 1.94
O MSE A 23 -8.01 15.96 2.55
CB MSE A 23 -10.42 14.14 2.52
CG MSE A 23 -11.02 14.52 1.15
SE MSE A 23 -12.95 14.87 1.24
CE MSE A 23 -13.64 13.16 0.65
N ILE A 24 -7.44 14.63 0.81
CA ILE A 24 -6.51 15.59 0.26
C ILE A 24 -6.96 16.07 -1.11
N ASP A 25 -6.37 17.16 -1.58
CA ASP A 25 -6.60 17.63 -2.93
C ASP A 25 -5.43 17.25 -3.84
N LEU A 26 -5.69 17.32 -5.14
CA LEU A 26 -4.73 16.93 -6.18
C LEU A 26 -4.40 18.14 -7.04
N PRO A 27 -3.20 18.16 -7.65
CA PRO A 27 -2.75 19.36 -8.37
C PRO A 27 -3.49 19.69 -9.67
N GLY A 28 -3.87 18.68 -10.46
CA GLY A 28 -4.46 18.96 -11.76
C GLY A 28 -5.46 17.95 -12.32
N PRO A 29 -5.77 18.07 -13.63
CA PRO A 29 -6.75 17.21 -14.30
C PRO A 29 -6.24 15.80 -14.62
N GLU A 30 -4.94 15.56 -14.49
CA GLU A 30 -4.37 14.23 -14.75
C GLU A 30 -3.65 13.68 -13.52
N LEU A 31 -3.72 12.37 -13.32
CA LEU A 31 -3.03 11.74 -12.20
C LEU A 31 -1.59 11.42 -12.62
N ASP A 32 -0.68 12.33 -12.32
CA ASP A 32 0.73 12.14 -12.64
C ASP A 32 1.33 11.01 -11.77
N LYS A 33 2.39 10.40 -12.26
CA LYS A 33 3.06 9.29 -11.55
C LYS A 33 3.48 9.58 -10.10
N ASP A 34 4.00 10.79 -9.84
CA ASP A 34 4.44 11.16 -8.49
C ASP A 34 3.25 11.22 -7.53
N THR A 35 2.14 11.72 -8.02
CA THR A 35 0.91 11.76 -7.22
C THR A 35 0.41 10.33 -6.96
N ALA A 36 0.45 9.47 -7.97
CA ALA A 36 0.07 8.07 -7.79
C ALA A 36 0.97 7.41 -6.74
N ALA A 37 2.28 7.63 -6.85
CA ALA A 37 3.24 7.02 -5.92
C ALA A 37 2.94 7.51 -4.49
N TYR A 38 2.62 8.78 -4.37
CA TYR A 38 2.31 9.40 -3.09
C TYR A 38 1.01 8.87 -2.44
N LEU A 39 -0.09 8.79 -3.20
CA LEU A 39 -1.31 8.18 -2.68
C LEU A 39 -1.07 6.75 -2.19
N ARG A 40 -0.33 5.98 -2.97
CA ARG A 40 -0.09 4.60 -2.67
C ARG A 40 0.81 4.50 -1.43
N GLU A 41 1.88 5.28 -1.41
CA GLU A 41 2.83 5.31 -0.29
C GLU A 41 2.17 5.52 1.10
N HIS A 42 1.19 6.42 1.18
CA HIS A 42 0.57 6.74 2.45
C HIS A 42 -0.79 6.09 2.65
N GLY A 43 -1.25 5.33 1.65
CA GLY A 43 -2.57 4.69 1.70
C GLY A 43 -3.70 5.69 1.81
N ILE A 44 -3.59 6.84 1.15
CA ILE A 44 -4.58 7.87 1.30
C ILE A 44 -5.92 7.31 0.79
N GLY A 45 -7.00 7.49 1.54
CA GLY A 45 -8.25 6.85 1.15
C GLY A 45 -9.30 7.83 0.64
N ALA A 46 -9.02 9.13 0.67
CA ALA A 46 -10.02 10.10 0.26
C ALA A 46 -9.41 11.29 -0.45
N VAL A 47 -10.06 11.75 -1.51
N VAL A 47 -10.05 11.73 -1.52
CA VAL A 47 -9.63 12.93 -2.25
CA VAL A 47 -9.65 12.93 -2.25
C VAL A 47 -10.84 13.79 -2.59
C VAL A 47 -10.87 13.80 -2.50
N CYS A 48 -10.65 15.10 -2.61
CA CYS A 48 -11.72 16.02 -3.01
C CYS A 48 -11.25 16.71 -4.26
N LEU A 49 -12.12 16.77 -5.26
CA LEU A 49 -11.81 17.42 -6.53
C LEU A 49 -12.42 18.82 -6.61
N PHE A 50 -11.70 19.72 -7.27
CA PHE A 50 -12.13 21.11 -7.47
C PHE A 50 -11.97 21.51 -8.93
N GLY A 51 -12.32 22.75 -9.25
CA GLY A 51 -12.24 23.28 -10.62
C GLY A 51 -10.91 23.00 -11.29
N LYS A 52 -9.81 23.19 -10.56
CA LYS A 52 -8.48 22.87 -11.06
C LYS A 52 -8.33 21.41 -11.53
N ASN A 53 -9.25 20.52 -11.16
CA ASN A 53 -9.16 19.10 -11.56
C ASN A 53 -10.12 18.69 -12.67
N VAL A 54 -10.91 19.65 -13.17
CA VAL A 54 -12.05 19.38 -14.05
C VAL A 54 -11.95 20.15 -15.36
N GLU A 55 -11.86 19.43 -16.47
CA GLU A 55 -11.82 20.04 -17.81
C GLU A 55 -12.98 19.58 -18.68
N SER A 56 -13.18 18.27 -18.75
CA SER A 56 -14.28 17.69 -19.52
C SER A 56 -14.70 16.39 -18.86
N ALA A 57 -15.86 15.87 -19.29
CA ALA A 57 -16.37 14.60 -18.77
C ALA A 57 -15.44 13.40 -19.08
N GLU A 58 -14.85 13.40 -20.28
CA GLU A 58 -13.91 12.37 -20.71
C GLU A 58 -12.66 12.37 -19.83
N GLN A 59 -12.11 13.56 -19.58
CA GLN A 59 -10.91 13.70 -18.78
C GLN A 59 -11.20 13.32 -17.32
N LEU A 60 -12.34 13.78 -16.82
CA LEU A 60 -12.72 13.52 -15.44
C LEU A 60 -12.96 12.04 -15.21
N ARG A 61 -13.58 11.39 -16.18
CA ARG A 61 -13.81 9.94 -16.11
C ARG A 61 -12.49 9.19 -16.05
N ARG A 62 -11.52 9.61 -16.85
CA ARG A 62 -10.16 9.07 -16.84
C ARG A 62 -9.49 9.31 -15.48
N LEU A 63 -9.60 10.52 -14.95
CA LEU A 63 -9.01 10.85 -13.65
C LEU A 63 -9.57 10.02 -12.49
N CYS A 64 -10.88 9.84 -12.43
CA CYS A 64 -11.51 9.09 -11.34
C CYS A 64 -11.28 7.59 -11.45
N ALA A 65 -11.16 7.10 -12.70
CA ALA A 65 -10.86 5.69 -12.91
C ALA A 65 -9.45 5.43 -12.43
N ASP A 66 -8.52 6.30 -12.79
CA ASP A 66 -7.15 6.20 -12.29
C ASP A 66 -7.09 6.22 -10.76
N LEU A 67 -7.86 7.10 -10.13
CA LEU A 67 -7.85 7.24 -8.68
C LEU A 67 -8.39 5.99 -8.03
N ARG A 68 -9.43 5.43 -8.62
CA ARG A 68 -9.99 4.22 -8.11
C ARG A 68 -9.00 3.05 -8.23
N GLU A 69 -8.24 3.03 -9.31
N GLU A 69 -8.23 3.03 -9.31
CA GLU A 69 -7.25 1.96 -9.52
CA GLU A 69 -7.25 1.97 -9.53
C GLU A 69 -6.12 2.05 -8.48
C GLU A 69 -6.10 2.05 -8.52
N VAL A 70 -5.65 3.27 -8.23
CA VAL A 70 -4.57 3.49 -7.27
C VAL A 70 -5.03 3.29 -5.83
N MSE A 71 -6.20 3.84 -5.47
CA MSE A 71 -6.64 3.84 -4.07
C MSE A 71 -7.39 2.57 -3.62
O MSE A 71 -7.47 2.31 -2.42
CB MSE A 71 -7.52 5.08 -3.81
CG MSE A 71 -6.81 6.42 -4.10
SE MSE A 71 -8.04 7.95 -4.07
CE MSE A 71 -8.06 8.14 -2.20
N GLY A 72 -7.94 1.80 -4.56
CA GLY A 72 -8.57 0.52 -4.21
C GLY A 72 -10.04 0.69 -3.84
N GLU A 73 -10.64 -0.39 -3.36
CA GLU A 73 -12.08 -0.46 -3.20
C GLU A 73 -12.67 0.51 -2.20
N HIS A 74 -11.88 0.95 -1.23
CA HIS A 74 -12.38 1.91 -0.21
C HIS A 74 -12.36 3.39 -0.67
N ALA A 75 -11.89 3.65 -1.88
CA ALA A 75 -11.77 5.00 -2.40
C ALA A 75 -13.00 5.88 -2.12
N LEU A 76 -12.77 7.01 -1.49
CA LEU A 76 -13.78 8.08 -1.46
C LEU A 76 -13.28 9.20 -2.39
N ILE A 77 -14.03 9.42 -3.47
CA ILE A 77 -13.68 10.43 -4.45
C ILE A 77 -14.81 11.47 -4.45
N ALA A 78 -14.51 12.60 -3.82
CA ALA A 78 -15.48 13.64 -3.57
C ALA A 78 -15.28 14.78 -4.54
N ILE A 79 -16.35 15.54 -4.76
CA ILE A 79 -16.25 16.77 -5.51
C ILE A 79 -17.00 17.86 -4.76
N ASP A 80 -16.52 19.08 -4.88
CA ASP A 80 -17.24 20.20 -4.32
C ASP A 80 -18.05 20.90 -5.42
N HIS A 81 -19.29 20.45 -5.61
CA HIS A 81 -20.25 20.98 -6.61
C HIS A 81 -20.52 20.09 -7.81
N ALA A 95 -27.78 23.01 -14.01
CA ALA A 95 -27.73 23.06 -12.55
C ALA A 95 -28.07 24.46 -12.00
N PRO A 96 -29.29 24.63 -11.45
CA PRO A 96 -29.78 25.90 -10.89
C PRO A 96 -29.42 26.07 -9.41
N SER A 97 -29.67 27.26 -8.86
CA SER A 97 -29.32 27.57 -7.48
C SER A 97 -30.27 26.98 -6.44
N ALA A 98 -29.81 26.92 -5.18
CA ALA A 98 -30.62 26.40 -4.08
C ALA A 98 -31.75 27.37 -3.72
N MSE A 99 -31.49 28.66 -3.89
CA MSE A 99 -32.50 29.68 -3.61
C MSE A 99 -33.64 29.53 -4.61
O MSE A 99 -34.81 29.51 -4.20
CB MSE A 99 -31.86 31.06 -3.71
CG MSE A 99 -32.39 32.08 -2.72
SE MSE A 99 -31.85 33.89 -3.24
CE MSE A 99 -31.23 34.53 -1.51
N SER A 100 -33.31 29.40 -5.90
CA SER A 100 -34.27 29.14 -6.98
C SER A 100 -35.21 27.98 -6.68
N LEU A 101 -34.61 26.82 -6.40
CA LEU A 101 -35.35 25.62 -6.06
C LEU A 101 -36.19 25.85 -4.80
N GLY A 102 -35.58 26.40 -3.75
CA GLY A 102 -36.32 26.76 -2.54
C GLY A 102 -37.57 27.58 -2.83
N ALA A 103 -37.45 28.50 -3.79
CA ALA A 103 -38.54 29.43 -4.13
C ALA A 103 -39.64 28.81 -5.00
N ALA A 104 -39.25 28.04 -6.01
CA ALA A 104 -40.21 27.30 -6.84
C ALA A 104 -40.95 26.33 -5.93
N ASP A 105 -40.21 25.81 -4.95
CA ASP A 105 -40.74 25.01 -3.85
C ASP A 105 -41.45 23.73 -4.29
N ASP A 106 -40.93 23.13 -5.34
CA ASP A 106 -41.37 21.80 -5.72
C ASP A 106 -40.31 20.81 -5.25
N GLN A 107 -40.62 20.14 -4.14
CA GLN A 107 -39.75 19.16 -3.50
C GLN A 107 -39.29 18.11 -4.52
N GLN A 108 -40.23 17.61 -5.30
CA GLN A 108 -39.92 16.61 -6.31
C GLN A 108 -38.96 17.12 -7.40
N LEU A 109 -39.09 18.38 -7.81
CA LEU A 109 -38.12 18.97 -8.73
C LEU A 109 -36.70 18.98 -8.13
N THR A 110 -36.60 19.42 -6.88
CA THR A 110 -35.32 19.48 -6.20
C THR A 110 -34.68 18.11 -6.19
N GLU A 111 -35.44 17.09 -5.83
CA GLU A 111 -34.93 15.72 -5.82
C GLU A 111 -34.41 15.32 -7.21
N ASP A 112 -35.22 15.57 -8.24
CA ASP A 112 -34.88 15.16 -9.59
C ASP A 112 -33.67 15.87 -10.16
N VAL A 113 -33.48 17.14 -9.82
CA VAL A 113 -32.29 17.88 -10.28
C VAL A 113 -31.01 17.33 -9.61
N ASN A 114 -31.12 16.99 -8.34
CA ASN A 114 -30.02 16.35 -7.64
C ASN A 114 -29.78 14.92 -8.13
N ALA A 115 -30.86 14.23 -8.50
CA ALA A 115 -30.73 12.89 -9.05
C ALA A 115 -29.95 12.94 -10.35
N ALA A 116 -30.25 13.92 -11.21
CA ALA A 116 -29.52 14.07 -12.48
C ALA A 116 -28.06 14.43 -12.27
N LEU A 117 -27.80 15.29 -11.30
CA LEU A 117 -26.44 15.66 -10.99
C LEU A 117 -25.68 14.43 -10.49
N ALA A 118 -26.32 13.64 -9.64
CA ALA A 118 -25.68 12.44 -9.08
C ALA A 118 -25.37 11.40 -10.18
N ARG A 119 -26.28 11.26 -11.15
CA ARG A 119 -26.08 10.34 -12.29
C ARG A 119 -24.87 10.74 -13.12
N GLN A 120 -24.69 12.05 -13.33
CA GLN A 120 -23.51 12.51 -14.04
C GLN A 120 -22.24 12.19 -13.20
N LEU A 121 -22.29 12.41 -11.89
CA LEU A 121 -21.14 12.12 -11.03
C LEU A 121 -20.81 10.63 -11.05
N ARG A 122 -21.84 9.81 -10.87
CA ARG A 122 -21.72 8.36 -10.92
C ARG A 122 -21.10 7.88 -12.25
N SER A 123 -21.50 8.48 -13.38
CA SER A 123 -20.92 8.05 -14.65
C SER A 123 -19.42 8.39 -14.83
N VAL A 124 -18.91 9.38 -14.09
CA VAL A 124 -17.47 9.68 -14.17
C VAL A 124 -16.65 9.02 -13.06
N GLY A 125 -17.32 8.47 -12.05
CA GLY A 125 -16.68 7.67 -11.02
C GLY A 125 -16.49 8.39 -9.70
N ILE A 126 -17.36 9.36 -9.45
CA ILE A 126 -17.37 10.11 -8.20
C ILE A 126 -18.45 9.52 -7.30
N ASN A 127 -18.13 9.33 -6.02
CA ASN A 127 -19.09 8.72 -5.09
C ASN A 127 -19.46 9.60 -3.89
N TRP A 128 -19.06 10.87 -3.93
CA TRP A 128 -19.32 11.78 -2.83
C TRP A 128 -19.46 13.21 -3.36
N ASN A 129 -20.56 13.88 -3.01
CA ASN A 129 -20.78 15.27 -3.38
C ASN A 129 -21.08 16.08 -2.12
N PHE A 130 -20.45 17.24 -2.00
CA PHE A 130 -20.65 18.10 -0.81
C PHE A 130 -21.89 18.99 -0.96
N THR A 131 -23.07 18.37 -0.93
CA THR A 131 -24.38 19.02 -0.80
C THR A 131 -25.25 18.03 -0.03
N PRO A 132 -26.39 18.51 0.54
CA PRO A 132 -26.90 19.88 0.45
C PRO A 132 -26.33 20.82 1.51
N VAL A 133 -26.32 22.10 1.18
CA VAL A 133 -26.19 23.16 2.16
C VAL A 133 -27.49 23.13 2.98
N LEU A 134 -27.37 22.97 4.30
CA LEU A 134 -28.53 23.06 5.19
C LEU A 134 -28.43 24.31 6.04
N ASP A 135 -27.48 25.18 5.70
CA ASP A 135 -27.38 26.51 6.32
C ASP A 135 -28.68 27.26 6.00
N ILE A 136 -29.11 28.10 6.95
CA ILE A 136 -30.31 28.91 6.79
C ILE A 136 -29.94 30.37 6.62
N ASN A 137 -30.34 30.93 5.48
CA ASN A 137 -30.19 32.37 5.22
C ASN A 137 -31.23 33.19 6.01
N VAL A 138 -31.10 33.22 7.34
CA VAL A 138 -32.15 33.74 8.24
C VAL A 138 -32.14 35.25 8.39
N ASN A 139 -30.94 35.83 8.40
CA ASN A 139 -30.75 37.25 8.58
C ASN A 139 -30.61 37.92 7.21
N PRO A 140 -31.59 38.76 6.83
CA PRO A 140 -31.52 39.47 5.55
C PRO A 140 -30.33 40.42 5.47
N ALA A 141 -30.00 41.10 6.58
CA ALA A 141 -28.87 42.04 6.65
C ALA A 141 -27.51 41.35 6.86
N ASN A 142 -27.50 40.02 6.83
CA ASN A 142 -26.26 39.24 6.92
C ASN A 142 -26.32 37.98 6.04
N PRO A 143 -26.27 38.16 4.69
CA PRO A 143 -26.30 36.97 3.82
C PRO A 143 -24.91 36.34 3.66
N VAL A 144 -24.51 35.51 4.63
CA VAL A 144 -23.22 34.81 4.59
C VAL A 144 -23.24 33.74 3.48
N ILE A 145 -24.38 33.05 3.37
CA ILE A 145 -24.54 31.94 2.45
C ILE A 145 -25.27 32.37 1.17
N GLY A 146 -26.37 33.11 1.33
CA GLY A 146 -27.08 33.74 0.21
C GLY A 146 -27.78 32.78 -0.74
N ASP A 147 -27.37 32.84 -2.02
CA ASP A 147 -27.87 31.97 -3.11
C ASP A 147 -27.86 30.47 -2.80
N ARG A 148 -26.87 30.07 -2.03
CA ARG A 148 -26.53 28.67 -1.83
C ARG A 148 -27.41 27.95 -0.79
N ALA A 149 -28.19 28.71 -0.04
CA ALA A 149 -29.21 28.13 0.86
C ALA A 149 -30.54 27.98 0.14
N TYR A 150 -31.37 27.04 0.60
CA TYR A 150 -32.69 26.79 0.02
C TYR A 150 -33.76 27.76 0.52
N GLY A 151 -33.48 28.47 1.61
CA GLY A 151 -34.46 29.39 2.21
C GLY A 151 -34.01 30.15 3.46
N SER A 152 -34.97 30.80 4.13
CA SER A 152 -34.71 31.66 5.29
C SER A 152 -35.32 31.15 6.61
N ASP A 153 -35.88 29.94 6.56
CA ASP A 153 -36.42 29.26 7.73
C ASP A 153 -36.09 27.77 7.65
N ALA A 154 -36.07 27.12 8.82
CA ALA A 154 -35.70 25.70 8.95
C ALA A 154 -36.60 24.75 8.14
N ALA A 155 -37.91 25.05 8.12
CA ALA A 155 -38.92 24.24 7.44
C ALA A 155 -38.64 24.11 5.94
N ARG A 156 -38.32 25.22 5.29
CA ARG A 156 -38.03 25.24 3.86
C ARG A 156 -36.70 24.55 3.54
N VAL A 157 -35.70 24.78 4.39
CA VAL A 157 -34.40 24.15 4.19
C VAL A 157 -34.50 22.64 4.41
N THR A 158 -35.23 22.23 5.46
CA THR A 158 -35.47 20.81 5.74
C THR A 158 -36.13 20.10 4.55
N ARG A 159 -37.17 20.69 3.99
N ARG A 159 -37.16 20.74 4.01
CA ARG A 159 -37.90 20.04 2.89
CA ARG A 159 -37.96 20.29 2.88
C ARG A 159 -37.06 19.86 1.62
C ARG A 159 -37.09 19.92 1.68
N HIS A 160 -36.31 20.90 1.24
CA HIS A 160 -35.46 20.77 0.05
C HIS A 160 -34.16 20.02 0.31
N GLY A 161 -33.66 20.11 1.55
CA GLY A 161 -32.50 19.32 1.96
C GLY A 161 -32.80 17.83 1.83
N ARG A 162 -33.99 17.42 2.25
CA ARG A 162 -34.43 16.02 2.17
C ARG A 162 -34.41 15.53 0.71
N ALA A 163 -34.90 16.37 -0.18
CA ALA A 163 -34.96 16.06 -1.61
C ALA A 163 -33.57 15.90 -2.21
N ALA A 164 -32.67 16.79 -1.84
CA ALA A 164 -31.28 16.77 -2.32
C ALA A 164 -30.55 15.50 -1.86
N LEU A 165 -30.73 15.15 -0.60
CA LEU A 165 -30.14 13.92 -0.04
C LEU A 165 -30.66 12.69 -0.78
N ALA A 166 -31.98 12.63 -1.00
CA ALA A 166 -32.61 11.46 -1.59
C ALA A 166 -32.24 11.28 -3.06
N GLY A 167 -32.11 12.40 -3.79
CA GLY A 167 -31.65 12.36 -5.17
C GLY A 167 -30.25 11.79 -5.33
N HIS A 168 -29.37 12.05 -4.36
CA HIS A 168 -28.01 11.51 -4.41
C HIS A 168 -28.01 10.03 -3.99
N THR A 169 -28.60 9.78 -2.84
CA THR A 169 -28.68 8.46 -2.25
C THR A 169 -29.26 7.43 -3.21
N ARG A 170 -30.38 7.76 -3.84
CA ARG A 170 -31.00 6.82 -4.76
C ARG A 170 -30.18 6.60 -6.05
N GLU A 171 -29.25 7.51 -6.35
CA GLU A 171 -28.38 7.33 -7.52
C GLU A 171 -26.99 6.78 -7.17
N GLY A 172 -26.80 6.36 -5.92
CA GLY A 172 -25.50 5.81 -5.52
C GLY A 172 -24.36 6.80 -5.31
N VAL A 173 -24.65 8.05 -4.97
CA VAL A 173 -23.63 9.02 -4.60
C VAL A 173 -23.91 9.44 -3.16
N ALA A 174 -22.89 9.41 -2.31
CA ALA A 174 -23.03 9.90 -0.94
C ALA A 174 -23.14 11.41 -0.98
N PRO A 175 -24.20 11.97 -0.36
CA PRO A 175 -24.22 13.42 -0.23
C PRO A 175 -23.63 13.79 1.13
N CYS A 176 -23.16 15.01 1.31
CA CYS A 176 -22.64 15.41 2.61
C CYS A 176 -23.27 16.75 2.99
N ALA A 177 -24.08 16.76 4.04
CA ALA A 177 -24.73 17.98 4.52
C ALA A 177 -23.68 18.93 5.13
N LYS A 178 -23.81 20.23 4.87
CA LYS A 178 -22.90 21.22 5.43
C LYS A 178 -23.64 22.53 5.73
N HIS A 179 -23.12 23.41 6.60
CA HIS A 179 -21.92 23.17 7.45
C HIS A 179 -22.34 23.12 8.91
N PHE A 180 -22.31 21.95 9.49
CA PHE A 180 -22.78 21.76 10.84
C PHE A 180 -21.90 22.52 11.85
N PRO A 181 -22.52 23.21 12.82
CA PRO A 181 -23.93 23.25 13.14
C PRO A 181 -24.78 24.36 12.48
N GLY A 182 -24.27 25.01 11.43
CA GLY A 182 -25.07 25.96 10.64
C GLY A 182 -24.35 27.28 10.45
N HIS A 183 -24.05 27.61 9.19
CA HIS A 183 -23.23 28.78 8.81
C HIS A 183 -24.07 30.01 8.51
N GLY A 184 -25.39 29.87 8.62
CA GLY A 184 -26.30 30.89 8.13
C GLY A 184 -26.16 32.30 8.68
N ASP A 185 -25.80 32.45 9.95
CA ASP A 185 -25.89 33.77 10.59
C ASP A 185 -24.72 34.08 11.54
N THR A 186 -23.51 33.97 11.00
CA THR A 186 -22.26 34.07 11.77
C THR A 186 -21.73 35.51 11.77
N HIS A 187 -21.02 35.89 12.84
CA HIS A 187 -20.33 37.20 12.88
C HIS A 187 -18.82 37.07 13.12
N GLN A 188 -18.04 37.71 12.25
CA GLN A 188 -16.58 37.73 12.32
C GLN A 188 -16.08 39.06 12.83
N ASP A 189 -15.32 39.02 13.91
CA ASP A 189 -14.72 40.20 14.50
C ASP A 189 -13.59 40.81 13.60
N SER A 190 -12.84 39.95 12.90
CA SER A 190 -11.90 40.36 11.85
C SER A 190 -11.68 39.17 10.92
N HIS A 191 -10.95 39.36 9.82
CA HIS A 191 -10.68 38.23 8.90
C HIS A 191 -9.78 37.13 9.52
N LEU A 192 -9.16 37.41 10.65
CA LEU A 192 -8.32 36.40 11.29
C LEU A 192 -9.00 35.74 12.48
N ALA A 193 -10.20 36.19 12.80
CA ALA A 193 -10.90 35.63 13.95
C ALA A 193 -11.85 34.54 13.47
N LEU A 194 -12.08 33.53 14.29
CA LEU A 194 -13.10 32.53 13.98
C LEU A 194 -14.48 33.19 14.02
N PRO A 195 -15.33 32.89 13.05
CA PRO A 195 -16.69 33.42 13.16
C PRO A 195 -17.38 32.85 14.39
N ARG A 196 -18.28 33.63 14.98
CA ARG A 196 -19.04 33.22 16.16
C ARG A 196 -20.54 33.27 15.91
N VAL A 197 -21.28 32.45 16.65
CA VAL A 197 -22.72 32.55 16.72
C VAL A 197 -23.04 32.67 18.22
N SER A 198 -23.72 33.73 18.59
CA SER A 198 -23.95 33.98 20.01
C SER A 198 -25.41 33.73 20.45
N LYS A 199 -26.22 33.16 19.56
CA LYS A 199 -27.61 32.79 19.86
C LYS A 199 -27.72 31.76 20.98
N SER A 200 -28.82 31.80 21.70
CA SER A 200 -29.13 30.81 22.73
C SER A 200 -29.38 29.42 22.14
N ARG A 201 -29.33 28.43 23.01
CA ARG A 201 -29.61 27.04 22.63
C ARG A 201 -31.00 26.89 22.02
N ALA A 202 -32.02 27.45 22.68
CA ALA A 202 -33.40 27.37 22.18
C ALA A 202 -33.51 27.97 20.77
N GLU A 203 -32.84 29.09 20.53
CA GLU A 203 -32.74 29.67 19.20
C GLU A 203 -32.05 28.71 18.22
N LEU A 204 -30.97 28.08 18.65
CA LEU A 204 -30.26 27.12 17.81
C LEU A 204 -31.12 25.94 17.43
N ASP A 205 -31.83 25.39 18.42
CA ASP A 205 -32.79 24.29 18.23
C ASP A 205 -33.87 24.57 17.20
N ALA A 206 -34.37 25.80 17.20
CA ALA A 206 -35.44 26.20 16.27
C ALA A 206 -34.89 26.59 14.88
N GLY A 207 -33.62 26.98 14.82
CA GLY A 207 -33.01 27.46 13.60
C GLY A 207 -31.88 26.55 13.12
N GLU A 208 -30.64 27.00 13.35
CA GLU A 208 -29.42 26.36 12.83
C GLU A 208 -29.43 24.84 12.89
N LEU A 209 -29.76 24.29 14.04
CA LEU A 209 -29.72 22.85 14.28
C LEU A 209 -30.88 22.06 13.67
N ALA A 210 -32.03 22.72 13.43
CA ALA A 210 -33.25 22.00 13.07
C ALA A 210 -33.15 21.14 11.80
N PRO A 211 -32.61 21.68 10.70
CA PRO A 211 -32.57 20.83 9.49
C PRO A 211 -31.66 19.59 9.62
N PHE A 212 -30.53 19.73 10.31
CA PHE A 212 -29.62 18.60 10.51
C PHE A 212 -30.29 17.57 11.40
N ARG A 213 -30.94 18.05 12.46
CA ARG A 213 -31.60 17.14 13.38
C ARG A 213 -32.71 16.39 12.66
N ALA A 214 -33.51 17.10 11.87
CA ALA A 214 -34.62 16.47 11.16
C ALA A 214 -34.16 15.47 10.08
N LEU A 215 -32.96 15.69 9.55
CA LEU A 215 -32.50 14.92 8.39
C LEU A 215 -31.46 13.85 8.70
N LEU A 216 -31.14 13.64 9.97
CA LEU A 216 -30.10 12.69 10.37
C LEU A 216 -30.18 11.29 9.80
N PRO A 217 -31.35 10.63 9.90
CA PRO A 217 -31.40 9.25 9.38
C PRO A 217 -31.18 9.14 7.86
N GLU A 218 -31.29 10.27 7.14
CA GLU A 218 -31.08 10.30 5.69
C GLU A 218 -29.71 10.88 5.31
N THR A 219 -28.91 11.27 6.31
CA THR A 219 -27.63 11.94 6.07
C THR A 219 -26.44 11.01 6.37
N PRO A 220 -25.80 10.47 5.33
CA PRO A 220 -24.68 9.53 5.53
C PRO A 220 -23.35 10.19 5.96
N ALA A 221 -23.24 11.50 5.72
CA ALA A 221 -22.04 12.29 6.06
C ALA A 221 -22.40 13.73 6.37
N ILE A 222 -21.67 14.32 7.31
CA ILE A 222 -21.85 15.69 7.71
C ILE A 222 -20.50 16.40 7.74
N MSE A 223 -20.44 17.60 7.17
CA MSE A 223 -19.25 18.41 7.21
C MSE A 223 -19.41 19.50 8.25
O MSE A 223 -20.44 20.21 8.26
CB MSE A 223 -18.96 19.04 5.87
CG MSE A 223 -17.61 19.75 5.81
SE MSE A 223 -17.61 21.02 4.37
CE MSE A 223 -15.91 20.72 3.60
N THR A 224 -18.41 19.64 9.12
CA THR A 224 -18.48 20.60 10.21
C THR A 224 -17.91 21.95 9.84
N ALA A 225 -18.35 22.95 10.57
CA ALA A 225 -18.01 24.34 10.38
C ALA A 225 -16.95 24.83 11.39
N HIS A 226 -15.98 25.62 10.93
CA HIS A 226 -15.04 26.28 11.84
C HIS A 226 -15.72 27.48 12.51
N ILE A 227 -16.78 27.24 13.27
CA ILE A 227 -17.54 28.33 13.89
C ILE A 227 -17.67 28.07 15.38
N VAL A 228 -17.56 29.13 16.17
CA VAL A 228 -17.70 29.03 17.61
C VAL A 228 -19.16 29.34 17.97
N TYR A 229 -19.84 28.38 18.61
CA TYR A 229 -21.21 28.59 19.13
C TYR A 229 -21.17 28.76 20.64
N ASP A 230 -21.33 29.99 21.12
CA ASP A 230 -21.34 30.32 22.55
C ASP A 230 -22.21 29.37 23.39
N ALA A 231 -23.35 28.97 22.84
CA ALA A 231 -24.33 28.21 23.62
C ALA A 231 -23.95 26.74 23.70
N LEU A 232 -22.97 26.30 22.91
CA LEU A 232 -22.56 24.89 22.82
C LEU A 232 -21.16 24.66 23.37
N ASP A 233 -20.24 25.53 23.00
CA ASP A 233 -18.83 25.45 23.39
C ASP A 233 -18.21 26.80 23.06
N ALA A 234 -18.03 27.61 24.09
CA ALA A 234 -17.55 28.98 23.92
C ALA A 234 -16.06 29.05 23.63
N GLU A 235 -15.36 27.92 23.75
CA GLU A 235 -13.90 27.90 23.66
C GLU A 235 -13.32 27.36 22.35
N HIS A 236 -14.10 26.58 21.60
CA HIS A 236 -13.53 25.91 20.43
C HIS A 236 -14.47 26.02 19.23
N PRO A 237 -13.92 26.15 18.02
CA PRO A 237 -14.79 26.00 16.84
C PRO A 237 -15.37 24.58 16.80
N ALA A 238 -16.54 24.44 16.18
CA ALA A 238 -17.22 23.13 16.12
C ALA A 238 -16.30 21.97 15.67
N THR A 239 -15.47 22.24 14.67
CA THR A 239 -14.59 21.24 14.09
C THR A 239 -13.57 20.72 15.12
N LEU A 240 -13.34 21.48 16.19
CA LEU A 240 -12.36 21.09 17.21
C LEU A 240 -13.00 20.89 18.58
N SER A 241 -14.32 20.76 18.59
CA SER A 241 -15.09 20.73 19.83
C SER A 241 -15.57 19.33 20.18
N PRO A 242 -14.97 18.70 21.19
CA PRO A 242 -15.57 17.42 21.62
C PRO A 242 -17.03 17.57 22.10
N ARG A 243 -17.39 18.70 22.71
CA ARG A 243 -18.76 18.90 23.17
C ARG A 243 -19.75 18.84 22.00
N ILE A 244 -19.34 19.36 20.83
CA ILE A 244 -20.23 19.44 19.69
C ILE A 244 -20.20 18.15 18.88
N LEU A 245 -19.01 17.71 18.48
CA LEU A 245 -18.92 16.54 17.64
C LEU A 245 -19.30 15.25 18.37
N THR A 246 -18.89 15.10 19.64
CA THR A 246 -19.18 13.88 20.40
C THR A 246 -20.39 14.06 21.30
N GLY A 247 -20.37 15.08 22.16
CA GLY A 247 -21.48 15.33 23.08
C GLY A 247 -22.82 15.44 22.36
N LEU A 248 -22.89 16.36 21.42
CA LEU A 248 -24.13 16.59 20.71
C LEU A 248 -24.40 15.57 19.59
N LEU A 249 -23.57 15.60 18.54
CA LEU A 249 -23.81 14.77 17.39
C LEU A 249 -23.90 13.27 17.69
N ARG A 250 -22.88 12.73 18.37
CA ARG A 250 -22.81 11.28 18.63
C ARG A 250 -23.69 10.82 19.77
N GLU A 251 -23.65 11.53 20.88
CA GLU A 251 -24.29 11.06 22.11
C GLU A 251 -25.74 11.52 22.25
N GLU A 252 -26.00 12.82 22.16
CA GLU A 252 -27.37 13.32 22.24
C GLU A 252 -28.21 12.85 21.06
N TRP A 253 -27.66 12.98 19.84
CA TRP A 253 -28.40 12.68 18.62
C TRP A 253 -28.27 11.26 18.11
N GLY A 254 -27.28 10.51 18.62
CA GLY A 254 -27.08 9.12 18.17
C GLY A 254 -26.53 9.00 16.75
N TYR A 255 -25.96 10.06 16.21
CA TYR A 255 -25.45 10.03 14.82
C TYR A 255 -24.30 9.03 14.61
N ASP A 256 -24.46 8.12 13.65
CA ASP A 256 -23.39 7.15 13.37
C ASP A 256 -22.80 7.28 11.96
N GLY A 257 -23.08 8.38 11.26
CA GLY A 257 -22.49 8.57 9.96
C GLY A 257 -21.11 9.21 10.03
N VAL A 258 -20.57 9.58 8.86
CA VAL A 258 -19.23 10.15 8.75
C VAL A 258 -19.24 11.62 9.15
N ILE A 259 -18.32 12.02 10.02
CA ILE A 259 -18.11 13.44 10.27
C ILE A 259 -16.79 13.85 9.63
N VAL A 260 -16.84 14.85 8.75
CA VAL A 260 -15.65 15.35 8.08
C VAL A 260 -15.46 16.82 8.46
N THR A 261 -14.22 17.26 8.65
CA THR A 261 -13.95 18.67 8.97
C THR A 261 -14.01 19.50 7.71
N ASP A 262 -14.43 20.76 7.81
CA ASP A 262 -14.23 21.68 6.69
C ASP A 262 -12.71 21.78 6.40
N SER A 263 -12.37 22.34 5.25
CA SER A 263 -10.96 22.50 4.83
C SER A 263 -10.07 23.11 5.94
N MSE A 264 -8.98 22.44 6.31
CA MSE A 264 -8.12 23.00 7.39
C MSE A 264 -7.21 24.15 6.92
O MSE A 264 -6.49 24.74 7.74
CB MSE A 264 -7.30 21.92 8.09
CG MSE A 264 -8.11 20.73 8.62
SE MSE A 264 -9.52 21.18 9.90
CE MSE A 264 -8.48 21.82 11.43
N GLY A 265 -7.24 24.45 5.62
CA GLY A 265 -6.46 25.53 5.00
C GLY A 265 -7.12 26.90 4.96
N MSE A 266 -8.28 27.02 5.59
CA MSE A 266 -8.97 28.30 5.64
C MSE A 266 -8.32 29.24 6.66
O MSE A 266 -7.90 28.81 7.74
CB MSE A 266 -10.45 28.09 5.88
CG MSE A 266 -11.16 27.59 4.63
SE MSE A 266 -12.91 26.85 4.99
CE MSE A 266 -13.86 28.51 5.48
N GLN A 267 -8.26 30.51 6.27
CA GLN A 267 -7.41 31.49 6.92
C GLN A 267 -7.57 31.61 8.44
N ALA A 268 -8.81 31.69 8.92
CA ALA A 268 -9.06 31.89 10.35
C ALA A 268 -8.50 30.75 11.21
N ILE A 269 -8.64 29.51 10.74
CA ILE A 269 -8.04 28.37 11.43
C ILE A 269 -6.52 28.44 11.35
N ASP A 270 -6.04 28.68 10.13
CA ASP A 270 -4.62 28.69 9.83
C ASP A 270 -3.88 29.73 10.68
N ALA A 271 -4.55 30.84 10.99
CA ALA A 271 -3.96 31.90 11.79
C ALA A 271 -3.97 31.60 13.26
N ASN A 272 -4.79 30.65 13.68
CA ASN A 272 -5.02 30.38 15.11
C ASN A 272 -4.45 29.06 15.63
N TYR A 273 -4.16 28.13 14.71
CA TYR A 273 -3.68 26.79 15.05
C TYR A 273 -2.57 26.35 14.08
N GLY A 274 -1.75 25.40 14.51
CA GLY A 274 -0.86 24.67 13.59
C GLY A 274 -1.65 23.60 12.83
N ARG A 275 -1.24 23.30 11.61
CA ARG A 275 -2.00 22.37 10.77
C ARG A 275 -2.16 21.01 11.45
N GLY A 276 -1.04 20.38 11.81
CA GLY A 276 -1.05 19.07 12.43
C GLY A 276 -1.78 18.99 13.76
N GLU A 277 -1.51 19.94 14.63
CA GLU A 277 -2.25 20.09 15.88
C GLU A 277 -3.78 20.14 15.64
N ALA A 278 -4.22 20.97 14.71
CA ALA A 278 -5.65 21.11 14.42
C ALA A 278 -6.27 19.78 13.95
N ALA A 279 -5.55 19.07 13.08
CA ALA A 279 -6.06 17.81 12.56
C ALA A 279 -6.18 16.73 13.66
N VAL A 280 -5.19 16.65 14.54
CA VAL A 280 -5.22 15.70 15.63
C VAL A 280 -6.38 16.04 16.57
N ARG A 281 -6.52 17.32 16.87
CA ARG A 281 -7.61 17.78 17.75
C ARG A 281 -9.00 17.49 17.15
N ALA A 282 -9.16 17.67 15.83
CA ALA A 282 -10.43 17.33 15.16
C ALA A 282 -10.76 15.84 15.29
N LEU A 283 -9.77 14.98 15.08
CA LEU A 283 -10.00 13.55 15.15
C LEU A 283 -10.36 13.18 16.59
N ARG A 284 -9.62 13.72 17.57
CA ARG A 284 -9.90 13.45 18.98
C ARG A 284 -11.29 13.94 19.37
N ALA A 285 -11.65 15.15 18.93
CA ALA A 285 -12.97 15.69 19.24
C ALA A 285 -14.14 14.84 18.70
N GLY A 286 -13.89 14.09 17.63
CA GLY A 286 -14.93 13.25 17.05
C GLY A 286 -15.06 13.14 15.53
N ALA A 287 -14.27 13.90 14.76
CA ALA A 287 -14.22 13.73 13.30
C ALA A 287 -13.71 12.35 12.93
N ASP A 288 -14.26 11.79 11.84
CA ASP A 288 -13.72 10.55 11.25
C ASP A 288 -12.68 10.85 10.18
N LEU A 289 -12.75 12.07 9.61
CA LEU A 289 -12.03 12.41 8.38
C LEU A 289 -11.60 13.87 8.45
N VAL A 290 -10.32 14.13 8.17
CA VAL A 290 -9.84 15.50 8.14
C VAL A 290 -9.50 15.90 6.71
N MSE A 291 -10.08 17.02 6.25
CA MSE A 291 -9.71 17.58 4.95
C MSE A 291 -8.38 18.28 5.08
O MSE A 291 -8.31 19.35 5.65
CB MSE A 291 -10.75 18.59 4.47
CG MSE A 291 -12.06 17.94 4.17
SE MSE A 291 -13.28 19.12 3.23
CE MSE A 291 -12.30 18.95 1.54
N ALA A 292 -7.33 17.71 4.51
CA ALA A 292 -6.01 18.26 4.63
C ALA A 292 -5.61 18.82 3.26
N LEU A 293 -6.15 19.99 2.92
CA LEU A 293 -5.96 20.55 1.57
C LEU A 293 -4.73 21.44 1.53
N GLY A 294 -4.10 21.51 0.37
CA GLY A 294 -2.96 22.40 0.18
C GLY A 294 -1.82 21.67 -0.48
N ARG A 295 -0.66 22.32 -0.54
N ARG A 295 -0.66 22.33 -0.56
CA ARG A 295 0.51 21.76 -1.19
CA ARG A 295 0.50 21.76 -1.23
C ARG A 295 1.01 20.53 -0.44
C ARG A 295 1.02 20.55 -0.45
N ARG A 296 1.83 19.72 -1.12
CA ARG A 296 2.31 18.45 -0.56
C ARG A 296 2.95 18.59 0.82
N GLU A 297 3.75 19.65 1.01
CA GLU A 297 4.39 19.92 2.29
C GLU A 297 3.42 20.09 3.46
N VAL A 298 2.31 20.82 3.26
CA VAL A 298 1.34 20.89 4.35
C VAL A 298 0.61 19.58 4.58
N GLN A 299 0.36 18.83 3.51
CA GLN A 299 -0.27 17.50 3.64
C GLN A 299 0.65 16.57 4.44
N GLN A 300 1.94 16.62 4.12
CA GLN A 300 2.97 15.83 4.79
C GLN A 300 3.06 16.18 6.28
N ALA A 301 2.96 17.47 6.60
CA ALA A 301 2.99 17.87 7.99
C ALA A 301 1.78 17.37 8.75
N THR A 302 0.62 17.30 8.08
CA THR A 302 -0.58 16.77 8.70
C THR A 302 -0.46 15.27 8.94
N LEU A 303 -0.06 14.52 7.91
CA LEU A 303 0.26 13.10 8.07
C LEU A 303 1.18 12.83 9.25
N ALA A 304 2.26 13.61 9.36
CA ALA A 304 3.25 13.42 10.41
C ALA A 304 2.61 13.56 11.80
N ALA A 305 1.74 14.54 11.98
CA ALA A 305 1.08 14.72 13.26
C ALA A 305 0.10 13.57 13.52
N VAL A 306 -0.67 13.18 12.51
CA VAL A 306 -1.62 12.12 12.72
C VAL A 306 -0.89 10.80 12.95
N ALA A 307 0.30 10.65 12.36
CA ALA A 307 1.13 9.44 12.57
C ALA A 307 1.50 9.22 14.05
N GLU A 308 1.61 10.29 14.82
CA GLU A 308 1.94 10.21 16.25
C GLU A 308 0.70 9.91 17.11
N TYR A 309 -0.46 10.34 16.63
CA TYR A 309 -1.73 10.14 17.33
C TYR A 309 -2.25 8.71 17.18
N VAL A 310 -2.22 8.21 15.97
CA VAL A 310 -2.79 6.91 15.60
C VAL A 310 -2.35 5.69 16.44
N PRO A 311 -1.02 5.51 16.71
CA PRO A 311 -0.57 4.32 17.47
C PRO A 311 -1.11 4.21 18.90
N GLU A 312 -1.41 5.34 19.53
CA GLU A 312 -1.94 5.28 20.88
C GLU A 312 -3.48 5.32 20.92
N ASN A 313 -4.12 5.31 19.75
CA ASN A 313 -5.57 5.46 19.73
C ASN A 313 -6.22 4.48 18.74
N GLN A 314 -5.68 3.28 18.67
CA GLN A 314 -6.00 2.31 17.63
C GLN A 314 -7.49 1.92 17.56
N ALA A 315 -8.14 1.67 18.69
CA ALA A 315 -9.54 1.28 18.67
C ALA A 315 -10.43 2.44 18.17
N ALA A 316 -10.15 3.64 18.66
CA ALA A 316 -10.89 4.81 18.24
C ALA A 316 -10.72 5.05 16.74
N VAL A 317 -9.49 4.99 16.22
CA VAL A 317 -9.32 5.24 14.79
C VAL A 317 -9.83 4.10 13.89
N ALA A 318 -9.87 2.89 14.44
CA ALA A 318 -10.47 1.75 13.74
C ALA A 318 -11.95 2.02 13.48
N THR A 319 -12.63 2.55 14.50
CA THR A 319 -14.04 2.92 14.40
C THR A 319 -14.23 4.02 13.33
N LYS A 320 -13.36 5.03 13.33
CA LYS A 320 -13.44 6.09 12.33
C LYS A 320 -13.25 5.52 10.93
N ARG A 321 -12.24 4.67 10.74
CA ARG A 321 -11.98 4.10 9.42
C ARG A 321 -13.15 3.23 8.91
N GLU A 322 -13.73 2.44 9.80
CA GLU A 322 -14.89 1.62 9.45
C GLU A 322 -16.11 2.44 9.00
N ARG A 323 -16.34 3.61 9.59
CA ARG A 323 -17.38 4.51 9.08
C ARG A 323 -17.11 4.93 7.64
N LEU A 324 -15.83 5.18 7.35
CA LEU A 324 -15.42 5.60 6.02
C LEU A 324 -15.56 4.44 5.05
N ARG A 325 -15.23 3.26 5.52
CA ARG A 325 -15.29 2.08 4.71
C ARG A 325 -16.73 1.65 4.46
N ALA A 326 -17.59 1.81 5.46
CA ALA A 326 -19.01 1.47 5.30
C ALA A 326 -19.65 2.37 4.26
N LEU A 327 -19.26 3.65 4.26
CA LEU A 327 -19.73 4.61 3.27
C LEU A 327 -19.32 4.21 1.84
N ALA A 328 -18.04 3.93 1.64
CA ALA A 328 -17.59 3.42 0.35
C ALA A 328 -18.23 2.09 -0.08
N ARG A 329 -18.58 1.19 0.85
CA ARG A 329 -19.25 -0.07 0.49
C ARG A 329 -20.67 0.23 -0.03
N ARG A 330 -21.32 1.18 0.61
CA ARG A 330 -22.68 1.54 0.28
C ARG A 330 -22.68 2.32 -1.05
N PHE A 331 -21.67 3.17 -1.24
CA PHE A 331 -21.57 4.04 -2.40
C PHE A 331 -20.21 3.83 -3.09
N PRO A 332 -20.02 2.66 -3.73
CA PRO A 332 -18.74 2.40 -4.36
C PRO A 332 -18.41 3.38 -5.49
N ALA A 333 -17.14 3.78 -5.58
CA ALA A 333 -16.69 4.70 -6.61
C ALA A 333 -16.72 4.09 -8.02
N GLN A 334 -16.20 2.88 -8.18
CA GLN A 334 -16.06 2.32 -9.52
C GLN A 334 -17.28 2.67 -10.42
N ALA A 335 -17.01 3.41 -11.51
CA ALA A 335 -18.01 3.96 -12.42
C ALA A 335 -18.85 2.88 -13.11
N GLU B 9 9.53 0.95 -19.36
CA GLU B 9 8.95 2.03 -18.51
C GLU B 9 7.73 1.49 -17.74
N PRO B 10 7.58 1.85 -16.44
CA PRO B 10 6.40 1.40 -15.67
C PRO B 10 5.15 2.23 -15.92
N SER B 11 4.00 1.64 -15.60
CA SER B 11 2.74 2.33 -15.68
C SER B 11 2.79 3.52 -14.72
N ARG B 12 2.26 4.63 -15.22
CA ARG B 12 1.99 5.86 -14.49
C ARG B 12 1.37 5.59 -13.12
N LEU B 13 0.47 4.62 -13.08
CA LEU B 13 -0.37 4.38 -11.93
C LEU B 13 0.26 3.47 -10.90
N ASP B 14 1.41 2.90 -11.21
CA ASP B 14 1.97 1.84 -10.40
C ASP B 14 3.51 1.89 -10.41
N PRO B 15 4.07 3.04 -10.00
CA PRO B 15 5.54 3.17 -10.01
C PRO B 15 6.18 2.12 -9.09
N VAL B 16 7.38 1.68 -9.44
CA VAL B 16 8.08 0.69 -8.64
C VAL B 16 8.52 1.30 -7.30
N ARG B 17 8.26 0.58 -6.21
CA ARG B 17 8.72 0.99 -4.91
C ARG B 17 9.93 0.18 -4.50
N PRO B 18 10.79 0.77 -3.68
CA PRO B 18 12.00 0.05 -3.25
C PRO B 18 11.68 -1.26 -2.55
N GLY B 19 10.61 -1.32 -1.75
CA GLY B 19 10.29 -2.57 -1.04
C GLY B 19 9.89 -3.70 -1.96
N GLN B 20 9.48 -3.37 -3.17
CA GLN B 20 9.08 -4.39 -4.13
C GLN B 20 10.27 -5.14 -4.71
N LEU B 21 11.48 -4.70 -4.39
CA LEU B 21 12.71 -5.35 -4.87
C LEU B 21 13.47 -6.07 -3.76
N LEU B 22 12.86 -6.15 -2.57
CA LEU B 22 13.52 -6.80 -1.43
C LEU B 22 12.79 -8.05 -0.97
N MSE B 23 13.55 -8.99 -0.42
CA MSE B 23 12.99 -10.15 0.23
C MSE B 23 13.54 -10.09 1.65
O MSE B 23 14.78 -10.07 1.85
CB MSE B 23 13.41 -11.45 -0.46
CG MSE B 23 12.88 -12.73 0.23
SE MSE B 23 13.37 -14.35 -0.72
CE MSE B 23 11.74 -14.73 -1.66
N ILE B 24 12.65 -10.07 2.63
CA ILE B 24 13.05 -9.88 4.02
C ILE B 24 12.69 -11.09 4.86
N ASP B 25 13.25 -11.13 6.06
CA ASP B 25 12.86 -12.14 7.03
C ASP B 25 11.95 -11.55 8.11
N LEU B 26 11.30 -12.45 8.85
CA LEU B 26 10.28 -12.10 9.83
C LEU B 26 10.73 -12.59 11.20
N PRO B 27 10.26 -11.94 12.28
CA PRO B 27 10.82 -12.30 13.60
C PRO B 27 10.36 -13.65 14.18
N GLY B 28 9.16 -14.12 13.85
CA GLY B 28 8.68 -15.35 14.46
C GLY B 28 7.54 -16.09 13.77
N PRO B 29 6.86 -16.98 14.52
CA PRO B 29 5.84 -17.85 13.93
C PRO B 29 4.48 -17.18 13.74
N GLU B 30 4.29 -15.99 14.33
CA GLU B 30 3.04 -15.23 14.13
C GLU B 30 3.26 -13.86 13.51
N LEU B 31 2.37 -13.45 12.62
CA LEU B 31 2.45 -12.12 12.04
C LEU B 31 1.84 -11.12 13.02
N ASP B 32 2.69 -10.46 13.81
CA ASP B 32 2.24 -9.40 14.73
C ASP B 32 1.79 -8.16 13.95
N LYS B 33 0.99 -7.30 14.59
CA LYS B 33 0.48 -6.03 13.99
C LYS B 33 1.56 -5.16 13.39
N ASP B 34 2.63 -4.93 14.17
CA ASP B 34 3.71 -4.04 13.75
C ASP B 34 4.34 -4.55 12.47
N THR B 35 4.56 -5.85 12.39
CA THR B 35 5.12 -6.46 11.17
C THR B 35 4.17 -6.29 9.99
N ALA B 36 2.88 -6.52 10.23
CA ALA B 36 1.86 -6.29 9.20
C ALA B 36 1.89 -4.83 8.73
N ALA B 37 1.93 -3.90 9.68
CA ALA B 37 1.93 -2.47 9.35
C ALA B 37 3.16 -2.15 8.50
N TYR B 38 4.26 -2.78 8.85
CA TYR B 38 5.54 -2.58 8.20
C TYR B 38 5.59 -3.14 6.76
N LEU B 39 5.16 -4.38 6.54
CA LEU B 39 5.04 -4.91 5.19
C LEU B 39 4.16 -4.04 4.30
N ARG B 40 3.04 -3.61 4.87
CA ARG B 40 2.07 -2.83 4.13
C ARG B 40 2.63 -1.43 3.83
N GLU B 41 3.19 -0.78 4.85
CA GLU B 41 3.82 0.52 4.71
C GLU B 41 4.83 0.62 3.56
N HIS B 42 5.68 -0.40 3.40
CA HIS B 42 6.73 -0.38 2.40
C HIS B 42 6.38 -1.14 1.12
N GLY B 43 5.21 -1.78 1.09
CA GLY B 43 4.80 -2.65 -0.02
C GLY B 43 5.77 -3.78 -0.27
N ILE B 44 6.30 -4.39 0.80
CA ILE B 44 7.28 -5.45 0.62
C ILE B 44 6.62 -6.59 -0.16
N GLY B 45 7.29 -7.11 -1.17
CA GLY B 45 6.63 -8.12 -1.99
C GLY B 45 7.12 -9.54 -1.80
N ALA B 46 8.09 -9.72 -0.91
CA ALA B 46 8.75 -11.02 -0.77
C ALA B 46 9.31 -11.24 0.63
N VAL B 47 9.09 -12.43 1.17
CA VAL B 47 9.65 -12.85 2.44
C VAL B 47 10.22 -14.25 2.34
N CYS B 48 11.24 -14.53 3.16
CA CYS B 48 11.78 -15.88 3.23
C CYS B 48 11.59 -16.38 4.65
N LEU B 49 11.10 -17.61 4.80
CA LEU B 49 10.88 -18.18 6.12
C LEU B 49 12.01 -19.11 6.55
N PHE B 50 12.29 -19.12 7.85
CA PHE B 50 13.34 -19.96 8.43
C PHE B 50 12.79 -20.72 9.65
N GLY B 51 13.64 -21.55 10.27
CA GLY B 51 13.25 -22.33 11.45
C GLY B 51 12.52 -21.51 12.51
N LYS B 52 13.02 -20.29 12.78
CA LYS B 52 12.37 -19.40 13.72
C LYS B 52 10.89 -19.07 13.39
N ASN B 53 10.45 -19.34 12.16
CA ASN B 53 9.06 -19.06 11.75
C ASN B 53 8.17 -20.31 11.66
N VAL B 54 8.73 -21.47 12.00
CA VAL B 54 8.05 -22.75 11.75
C VAL B 54 7.92 -23.54 13.04
N GLU B 55 6.67 -23.85 13.39
CA GLU B 55 6.39 -24.65 14.59
C GLU B 55 5.55 -25.88 14.27
N SER B 56 4.43 -25.65 13.57
CA SER B 56 3.53 -26.74 13.16
C SER B 56 2.92 -26.38 11.82
N ALA B 57 2.34 -27.38 11.15
CA ALA B 57 1.68 -27.16 9.86
C ALA B 57 0.49 -26.19 9.97
N GLU B 58 -0.28 -26.31 11.06
CA GLU B 58 -1.41 -25.45 11.36
C GLU B 58 -0.96 -24.00 11.53
N GLN B 59 0.08 -23.80 12.34
CA GLN B 59 0.60 -22.47 12.62
C GLN B 59 1.18 -21.85 11.35
N LEU B 60 1.86 -22.67 10.56
CA LEU B 60 2.50 -22.22 9.35
C LEU B 60 1.46 -21.80 8.31
N ARG B 61 0.39 -22.58 8.23
CA ARG B 61 -0.72 -22.28 7.32
C ARG B 61 -1.34 -20.93 7.66
N ARG B 62 -1.51 -20.67 8.95
CA ARG B 62 -2.03 -19.41 9.45
C ARG B 62 -1.09 -18.26 9.07
N LEU B 63 0.20 -18.44 9.34
CA LEU B 63 1.20 -17.42 9.04
C LEU B 63 1.22 -17.02 7.56
N CYS B 64 1.24 -18.00 6.67
CA CYS B 64 1.29 -17.77 5.23
C CYS B 64 0.00 -17.20 4.66
N ALA B 65 -1.13 -17.58 5.26
CA ALA B 65 -2.43 -17.03 4.87
C ALA B 65 -2.48 -15.55 5.25
N ASP B 66 -1.97 -15.23 6.44
CA ASP B 66 -1.87 -13.83 6.88
C ASP B 66 -0.93 -12.99 5.98
N LEU B 67 0.23 -13.57 5.64
CA LEU B 67 1.15 -12.93 4.72
C LEU B 67 0.51 -12.64 3.38
N ARG B 68 -0.20 -13.61 2.83
CA ARG B 68 -0.85 -13.43 1.55
C ARG B 68 -1.92 -12.33 1.64
N GLU B 69 -2.61 -12.25 2.77
CA GLU B 69 -3.66 -11.25 2.94
C GLU B 69 -3.02 -9.85 3.01
N VAL B 70 -1.88 -9.73 3.68
CA VAL B 70 -1.25 -8.44 3.85
C VAL B 70 -0.57 -8.02 2.55
N MSE B 71 0.18 -8.93 1.94
CA MSE B 71 1.03 -8.57 0.81
C MSE B 71 0.31 -8.52 -0.53
O MSE B 71 0.81 -7.88 -1.47
CB MSE B 71 2.23 -9.52 0.74
CG MSE B 71 3.11 -9.51 2.01
SE MSE B 71 4.41 -10.95 2.06
CE MSE B 71 5.51 -10.27 0.67
N GLY B 72 -0.83 -9.20 -0.67
CA GLY B 72 -1.59 -9.15 -1.92
C GLY B 72 -1.19 -10.24 -2.92
N GLU B 73 -1.76 -10.15 -4.11
CA GLU B 73 -1.65 -11.23 -5.10
C GLU B 73 -0.24 -11.49 -5.60
N HIS B 74 0.66 -10.52 -5.51
CA HIS B 74 2.03 -10.72 -6.01
C HIS B 74 2.98 -11.35 -4.96
N ALA B 75 2.44 -11.69 -3.79
CA ALA B 75 3.21 -12.27 -2.70
C ALA B 75 4.14 -13.41 -3.16
N LEU B 76 5.42 -13.27 -2.85
CA LEU B 76 6.35 -14.38 -2.95
C LEU B 76 6.69 -14.76 -1.51
N ILE B 77 6.34 -15.99 -1.16
CA ILE B 77 6.53 -16.50 0.20
C ILE B 77 7.43 -17.71 0.09
N ALA B 78 8.70 -17.51 0.44
CA ALA B 78 9.72 -18.50 0.23
C ALA B 78 10.06 -19.20 1.54
N ILE B 79 10.63 -20.38 1.43
CA ILE B 79 11.18 -21.06 2.59
C ILE B 79 12.56 -21.60 2.22
N ASP B 80 13.46 -21.66 3.18
CA ASP B 80 14.71 -22.35 2.96
C ASP B 80 14.69 -23.73 3.64
N HIS B 81 14.33 -24.77 2.85
CA HIS B 81 14.23 -26.18 3.26
C HIS B 81 12.80 -26.70 3.42
N ALA B 95 12.23 -36.83 4.29
CA ALA B 95 13.05 -35.79 3.68
C ALA B 95 14.54 -36.17 3.67
N PRO B 96 14.96 -37.03 2.72
CA PRO B 96 16.34 -37.52 2.66
C PRO B 96 17.31 -36.52 2.03
N SER B 97 18.60 -36.82 2.10
CA SER B 97 19.64 -35.91 1.60
C SER B 97 19.81 -35.98 0.07
N ALA B 98 20.39 -34.93 -0.49
CA ALA B 98 20.68 -34.87 -1.93
C ALA B 98 21.73 -35.91 -2.31
N MSE B 99 22.71 -36.13 -1.44
CA MSE B 99 23.73 -37.14 -1.65
C MSE B 99 23.08 -38.52 -1.77
O MSE B 99 23.40 -39.26 -2.70
CB MSE B 99 24.75 -37.12 -0.51
CG MSE B 99 26.17 -37.55 -0.89
SE MSE B 99 27.34 -37.67 0.68
CE MSE B 99 29.03 -37.05 -0.16
N SER B 100 22.18 -38.83 -0.85
CA SER B 100 21.41 -40.08 -0.85
C SER B 100 20.68 -40.33 -2.15
N LEU B 101 19.87 -39.35 -2.56
CA LEU B 101 19.12 -39.45 -3.79
C LEU B 101 20.06 -39.58 -4.98
N GLY B 102 21.10 -38.75 -5.02
CA GLY B 102 22.13 -38.84 -6.04
C GLY B 102 22.73 -40.24 -6.13
N ALA B 103 22.85 -40.90 -4.98
CA ALA B 103 23.44 -42.24 -4.89
C ALA B 103 22.50 -43.36 -5.33
N ALA B 104 21.24 -43.30 -4.91
CA ALA B 104 20.22 -44.25 -5.35
C ALA B 104 20.09 -44.10 -6.87
N ASP B 105 20.21 -42.86 -7.31
CA ASP B 105 20.25 -42.50 -8.73
C ASP B 105 18.99 -42.92 -9.47
N ASP B 106 17.85 -42.82 -8.80
CA ASP B 106 16.58 -42.97 -9.47
C ASP B 106 16.01 -41.56 -9.66
N GLN B 107 16.14 -41.02 -10.87
CA GLN B 107 15.67 -39.70 -11.23
C GLN B 107 14.20 -39.53 -10.85
N GLN B 108 13.40 -40.57 -11.14
CA GLN B 108 11.97 -40.52 -10.85
C GLN B 108 11.69 -40.45 -9.35
N LEU B 109 12.48 -41.12 -8.53
CA LEU B 109 12.35 -40.98 -7.07
C LEU B 109 12.58 -39.53 -6.62
N THR B 110 13.67 -38.95 -7.10
CA THR B 110 14.04 -37.60 -6.77
C THR B 110 12.90 -36.66 -7.08
N GLU B 111 12.35 -36.76 -8.29
CA GLU B 111 11.21 -35.94 -8.69
C GLU B 111 10.04 -36.10 -7.74
N ASP B 112 9.72 -37.35 -7.39
CA ASP B 112 8.56 -37.64 -6.56
C ASP B 112 8.72 -37.16 -5.13
N VAL B 113 9.93 -37.22 -4.59
CA VAL B 113 10.22 -36.72 -3.23
C VAL B 113 10.10 -35.18 -3.18
N ASN B 114 10.64 -34.51 -4.18
CA ASN B 114 10.41 -33.07 -4.31
C ASN B 114 8.94 -32.70 -4.55
N ALA B 115 8.24 -33.51 -5.34
CA ALA B 115 6.82 -33.27 -5.59
C ALA B 115 6.05 -33.32 -4.28
N ALA B 116 6.37 -34.30 -3.42
CA ALA B 116 5.70 -34.43 -2.12
C ALA B 116 6.01 -33.26 -1.20
N LEU B 117 7.26 -32.79 -1.25
CA LEU B 117 7.64 -31.64 -0.48
C LEU B 117 6.88 -30.41 -0.98
N ALA B 118 6.81 -30.25 -2.29
CA ALA B 118 6.12 -29.10 -2.87
C ALA B 118 4.61 -29.10 -2.53
N ARG B 119 4.02 -30.29 -2.47
CA ARG B 119 2.59 -30.43 -2.13
C ARG B 119 2.32 -29.97 -0.71
N GLN B 120 3.24 -30.28 0.20
CA GLN B 120 3.10 -29.83 1.58
C GLN B 120 3.25 -28.29 1.64
N LEU B 121 4.24 -27.75 0.95
CA LEU B 121 4.43 -26.31 0.90
C LEU B 121 3.19 -25.62 0.32
N ARG B 122 2.71 -26.13 -0.81
CA ARG B 122 1.52 -25.60 -1.45
C ARG B 122 0.31 -25.61 -0.50
N SER B 123 0.15 -26.66 0.30
CA SER B 123 -0.97 -26.69 1.22
C SER B 123 -0.88 -25.70 2.38
N VAL B 124 0.33 -25.23 2.71
CA VAL B 124 0.44 -24.18 3.75
C VAL B 124 0.51 -22.75 3.20
N GLY B 125 0.64 -22.61 1.89
CA GLY B 125 0.60 -21.30 1.24
C GLY B 125 1.95 -20.73 0.90
N ILE B 126 2.94 -21.61 0.74
CA ILE B 126 4.27 -21.24 0.30
C ILE B 126 4.38 -21.49 -1.21
N ASN B 127 4.97 -20.55 -1.93
CA ASN B 127 5.06 -20.68 -3.40
C ASN B 127 6.50 -20.63 -3.95
N TRP B 128 7.48 -20.65 -3.04
CA TRP B 128 8.89 -20.63 -3.44
C TRP B 128 9.74 -21.45 -2.47
N ASN B 129 10.54 -22.37 -3.01
CA ASN B 129 11.47 -23.17 -2.20
C ASN B 129 12.89 -23.05 -2.76
N PHE B 130 13.86 -22.81 -1.89
CA PHE B 130 15.26 -22.64 -2.34
C PHE B 130 15.98 -23.98 -2.52
N THR B 131 15.54 -24.75 -3.52
CA THR B 131 16.23 -25.92 -4.07
C THR B 131 15.93 -25.93 -5.56
N PRO B 132 16.68 -26.73 -6.34
CA PRO B 132 17.79 -27.60 -5.90
C PRO B 132 19.15 -26.91 -5.75
N VAL B 133 19.98 -27.49 -4.90
CA VAL B 133 21.38 -27.17 -4.88
C VAL B 133 21.92 -27.80 -6.17
N LEU B 134 22.54 -26.98 -7.01
CA LEU B 134 23.20 -27.49 -8.22
C LEU B 134 24.72 -27.38 -8.08
N ASP B 135 25.19 -27.07 -6.88
CA ASP B 135 26.63 -27.07 -6.59
C ASP B 135 27.15 -28.49 -6.75
N ILE B 136 28.40 -28.61 -7.16
CA ILE B 136 29.05 -29.90 -7.35
C ILE B 136 30.10 -30.14 -6.26
N ASN B 137 29.90 -31.21 -5.50
CA ASN B 137 30.89 -31.65 -4.51
C ASN B 137 32.07 -32.36 -5.19
N VAL B 138 32.88 -31.59 -5.92
CA VAL B 138 33.86 -32.14 -6.90
C VAL B 138 35.20 -32.53 -6.29
N ASN B 139 35.63 -31.77 -5.30
CA ASN B 139 36.89 -31.96 -4.62
C ASN B 139 36.63 -32.74 -3.34
N PRO B 140 37.05 -34.02 -3.29
CA PRO B 140 36.86 -34.81 -2.07
C PRO B 140 37.52 -34.16 -0.84
N ALA B 141 38.70 -33.58 -1.03
CA ALA B 141 39.47 -32.94 0.05
C ALA B 141 38.95 -31.55 0.48
N ASN B 142 37.86 -31.09 -0.14
CA ASN B 142 37.25 -29.80 0.16
C ASN B 142 35.71 -29.85 0.04
N PRO B 143 35.03 -30.46 1.05
CA PRO B 143 33.57 -30.62 0.95
C PRO B 143 32.78 -29.41 1.49
N VAL B 144 32.76 -28.31 0.75
CA VAL B 144 32.04 -27.08 1.15
C VAL B 144 30.52 -27.33 1.28
N ILE B 145 29.97 -28.09 0.33
CA ILE B 145 28.53 -28.31 0.24
C ILE B 145 28.14 -29.67 0.81
N GLY B 146 29.04 -30.66 0.65
CA GLY B 146 28.91 -31.96 1.30
C GLY B 146 27.70 -32.76 0.83
N ASP B 147 26.90 -33.22 1.80
CA ASP B 147 25.70 -34.03 1.50
C ASP B 147 24.51 -33.24 0.90
N ARG B 148 24.62 -31.91 0.88
CA ARG B 148 23.60 -31.04 0.30
C ARG B 148 23.61 -31.06 -1.25
N ALA B 149 24.68 -31.61 -1.84
CA ALA B 149 24.77 -31.80 -3.29
C ALA B 149 24.37 -33.21 -3.72
N TYR B 150 23.88 -33.35 -4.96
CA TYR B 150 23.45 -34.66 -5.49
C TYR B 150 24.60 -35.53 -5.99
N GLY B 151 25.79 -34.97 -6.14
CA GLY B 151 26.92 -35.71 -6.69
C GLY B 151 28.25 -34.96 -6.79
N SER B 152 29.23 -35.61 -7.40
CA SER B 152 30.59 -35.06 -7.56
C SER B 152 31.00 -34.75 -9.01
N ASP B 153 30.03 -34.85 -9.92
CA ASP B 153 30.21 -34.47 -11.32
C ASP B 153 28.94 -33.82 -11.86
N ALA B 154 29.09 -32.98 -12.88
CA ALA B 154 27.99 -32.22 -13.48
C ALA B 154 26.81 -33.08 -13.97
N ALA B 155 27.12 -34.23 -14.59
CA ALA B 155 26.11 -35.14 -15.14
C ALA B 155 25.11 -35.63 -14.10
N ARG B 156 25.62 -36.04 -12.94
CA ARG B 156 24.77 -36.53 -11.85
C ARG B 156 23.94 -35.40 -11.23
N VAL B 157 24.54 -34.23 -11.09
CA VAL B 157 23.85 -33.08 -10.50
C VAL B 157 22.77 -32.58 -11.46
N THR B 158 23.10 -32.55 -12.74
CA THR B 158 22.15 -32.14 -13.78
C THR B 158 20.91 -33.03 -13.80
N ARG B 159 21.11 -34.35 -13.75
N ARG B 159 21.17 -34.35 -13.76
CA ARG B 159 19.96 -35.24 -13.86
CA ARG B 159 20.16 -35.40 -13.78
C ARG B 159 19.08 -35.24 -12.61
C ARG B 159 19.15 -35.24 -12.64
N HIS B 160 19.66 -35.05 -11.43
CA HIS B 160 18.85 -34.95 -10.22
C HIS B 160 18.31 -33.55 -9.98
N GLY B 161 19.06 -32.54 -10.42
CA GLY B 161 18.58 -31.16 -10.46
C GLY B 161 17.32 -31.05 -11.28
N ARG B 162 17.32 -31.67 -12.46
CA ARG B 162 16.16 -31.63 -13.37
C ARG B 162 14.90 -32.16 -12.67
N ALA B 163 15.08 -33.25 -11.95
CA ALA B 163 13.99 -33.94 -11.26
C ALA B 163 13.42 -33.08 -10.12
N ALA B 164 14.30 -32.44 -9.38
CA ALA B 164 13.89 -31.56 -8.28
C ALA B 164 13.12 -30.35 -8.79
N LEU B 165 13.61 -29.74 -9.88
CA LEU B 165 12.92 -28.60 -10.48
C LEU B 165 11.51 -29.02 -10.93
N ALA B 166 11.43 -30.16 -11.61
CA ALA B 166 10.18 -30.61 -12.20
C ALA B 166 9.16 -30.99 -11.14
N GLY B 167 9.62 -31.59 -10.04
CA GLY B 167 8.74 -31.96 -8.93
C GLY B 167 8.09 -30.75 -8.26
N HIS B 168 8.82 -29.64 -8.17
CA HIS B 168 8.25 -28.41 -7.63
C HIS B 168 7.34 -27.76 -8.65
N THR B 169 7.88 -27.54 -9.83
CA THR B 169 7.20 -26.88 -10.92
C THR B 169 5.83 -27.52 -11.19
N ARG B 170 5.78 -28.85 -11.21
CA ARG B 170 4.52 -29.51 -11.49
C ARG B 170 3.50 -29.46 -10.32
N GLU B 171 3.96 -29.09 -9.12
CA GLU B 171 3.08 -28.95 -7.99
C GLU B 171 2.74 -27.49 -7.65
N GLY B 172 3.10 -26.57 -8.55
CA GLY B 172 2.80 -25.15 -8.33
C GLY B 172 3.67 -24.41 -7.31
N VAL B 173 4.92 -24.84 -7.14
CA VAL B 173 5.86 -24.15 -6.25
C VAL B 173 7.10 -23.79 -7.06
N ALA B 174 7.47 -22.52 -7.04
CA ALA B 174 8.69 -22.08 -7.72
C ALA B 174 9.88 -22.67 -6.97
N PRO B 175 10.76 -23.38 -7.69
CA PRO B 175 12.01 -23.75 -7.05
C PRO B 175 13.04 -22.70 -7.42
N CYS B 176 14.11 -22.57 -6.66
CA CYS B 176 15.17 -21.63 -7.02
C CYS B 176 16.50 -22.39 -6.98
N ALA B 177 17.16 -22.55 -8.11
CA ALA B 177 18.46 -23.22 -8.16
C ALA B 177 19.54 -22.37 -7.49
N LYS B 178 20.49 -23.02 -6.81
CA LYS B 178 21.56 -22.29 -6.12
C LYS B 178 22.83 -23.15 -6.02
N HIS B 179 24.01 -22.55 -5.78
CA HIS B 179 24.22 -21.08 -5.77
C HIS B 179 25.08 -20.70 -6.96
N PHE B 180 24.51 -19.92 -7.85
CA PHE B 180 25.16 -19.58 -9.09
C PHE B 180 26.30 -18.59 -8.87
N PRO B 181 27.45 -18.83 -9.51
CA PRO B 181 27.71 -19.85 -10.51
C PRO B 181 28.32 -21.17 -10.03
N GLY B 182 28.21 -21.49 -8.74
CA GLY B 182 28.59 -22.81 -8.25
C GLY B 182 29.50 -22.75 -7.04
N HIS B 183 28.98 -23.23 -5.91
CA HIS B 183 29.64 -23.12 -4.60
C HIS B 183 30.51 -24.32 -4.27
N GLY B 184 30.55 -25.28 -5.19
CA GLY B 184 31.14 -26.57 -4.90
C GLY B 184 32.59 -26.64 -4.43
N ASP B 185 33.44 -25.74 -4.92
CA ASP B 185 34.89 -25.91 -4.74
C ASP B 185 35.64 -24.60 -4.51
N THR B 186 35.19 -23.85 -3.50
CA THR B 186 35.69 -22.50 -3.24
C THR B 186 36.80 -22.54 -2.20
N HIS B 187 37.68 -21.53 -2.23
N HIS B 187 37.67 -21.53 -2.22
CA HIS B 187 38.73 -21.35 -1.21
CA HIS B 187 38.67 -21.38 -1.16
C HIS B 187 38.67 -19.95 -0.56
C HIS B 187 38.64 -19.97 -0.56
N GLN B 188 38.72 -19.92 0.77
CA GLN B 188 38.69 -18.68 1.54
C GLN B 188 40.02 -18.42 2.20
N ASP B 189 40.54 -17.22 2.02
CA ASP B 189 41.79 -16.81 2.62
C ASP B 189 41.65 -16.54 4.16
N SER B 190 40.46 -16.12 4.59
CA SER B 190 40.10 -16.02 6.01
C SER B 190 38.58 -15.96 6.08
N HIS B 191 38.01 -15.97 7.30
CA HIS B 191 36.55 -15.82 7.46
C HIS B 191 36.02 -14.44 7.03
N LEU B 192 36.89 -13.44 6.92
CA LEU B 192 36.44 -12.13 6.47
C LEU B 192 36.66 -11.90 4.98
N ALA B 193 37.18 -12.89 4.30
CA ALA B 193 37.47 -12.75 2.88
C ALA B 193 36.36 -13.40 2.05
N LEU B 194 36.07 -12.84 0.89
CA LEU B 194 35.15 -13.50 -0.03
C LEU B 194 35.78 -14.79 -0.54
N PRO B 195 35.04 -15.90 -0.55
CA PRO B 195 35.60 -17.09 -1.17
C PRO B 195 35.88 -16.87 -2.66
N ARG B 196 36.91 -17.54 -3.18
CA ARG B 196 37.33 -17.42 -4.57
C ARG B 196 37.33 -18.78 -5.27
N VAL B 197 37.12 -18.74 -6.58
CA VAL B 197 37.33 -19.88 -7.46
C VAL B 197 38.29 -19.42 -8.56
N SER B 198 39.45 -20.07 -8.65
CA SER B 198 40.44 -19.62 -9.61
C SER B 198 40.60 -20.53 -10.85
N LYS B 199 39.68 -21.49 -11.00
CA LYS B 199 39.64 -22.38 -12.17
C LYS B 199 39.47 -21.60 -13.47
N SER B 200 40.01 -22.16 -14.55
CA SER B 200 39.87 -21.59 -15.88
C SER B 200 38.43 -21.64 -16.37
N ARG B 201 38.13 -20.85 -17.39
CA ARG B 201 36.78 -20.82 -17.95
C ARG B 201 36.33 -22.18 -18.47
N ALA B 202 37.22 -22.87 -19.17
CA ALA B 202 36.91 -24.19 -19.72
C ALA B 202 36.61 -25.20 -18.59
N GLU B 203 37.36 -25.11 -17.51
CA GLU B 203 37.05 -25.87 -16.28
C GLU B 203 35.67 -25.50 -15.73
N LEU B 204 35.31 -24.22 -15.77
CA LEU B 204 34.00 -23.79 -15.29
C LEU B 204 32.86 -24.31 -16.17
N ASP B 205 33.07 -24.22 -17.49
CA ASP B 205 32.11 -24.72 -18.48
C ASP B 205 31.80 -26.20 -18.31
N ALA B 206 32.79 -26.99 -17.94
CA ALA B 206 32.61 -28.44 -17.80
C ALA B 206 32.09 -28.83 -16.41
N GLY B 207 32.29 -27.93 -15.44
CA GLY B 207 31.98 -28.18 -14.04
C GLY B 207 30.91 -27.24 -13.52
N GLU B 208 31.32 -26.28 -12.69
CA GLU B 208 30.42 -25.35 -11.99
C GLU B 208 29.22 -24.87 -12.81
N LEU B 209 29.48 -24.40 -14.03
CA LEU B 209 28.44 -23.82 -14.89
C LEU B 209 27.51 -24.82 -15.55
N ALA B 210 27.95 -26.07 -15.70
CA ALA B 210 27.23 -27.04 -16.54
C ALA B 210 25.80 -27.33 -16.09
N PRO B 211 25.58 -27.64 -14.80
CA PRO B 211 24.17 -27.96 -14.45
C PRO B 211 23.22 -26.77 -14.64
N PHE B 212 23.65 -25.56 -14.30
CA PHE B 212 22.83 -24.35 -14.49
C PHE B 212 22.54 -24.11 -15.95
N ARG B 213 23.57 -24.26 -16.79
CA ARG B 213 23.41 -24.03 -18.22
C ARG B 213 22.46 -25.06 -18.81
N ALA B 214 22.60 -26.31 -18.40
CA ALA B 214 21.76 -27.39 -18.94
C ALA B 214 20.28 -27.25 -18.52
N LEU B 215 20.04 -26.63 -17.37
CA LEU B 215 18.72 -26.62 -16.75
C LEU B 215 18.00 -25.28 -16.84
N LEU B 216 18.58 -24.31 -17.53
CA LEU B 216 17.99 -22.99 -17.67
C LEU B 216 16.51 -22.93 -18.03
N PRO B 217 16.10 -23.61 -19.13
CA PRO B 217 14.67 -23.49 -19.49
C PRO B 217 13.70 -24.06 -18.43
N GLU B 218 14.18 -24.91 -17.53
CA GLU B 218 13.36 -25.45 -16.45
C GLU B 218 13.52 -24.70 -15.12
N THR B 219 14.34 -23.66 -15.12
CA THR B 219 14.68 -22.95 -13.88
C THR B 219 14.03 -21.56 -13.83
N PRO B 220 12.96 -21.39 -13.06
CA PRO B 220 12.26 -20.10 -12.99
C PRO B 220 13.00 -19.01 -12.17
N ALA B 221 13.94 -19.40 -11.32
CA ALA B 221 14.67 -18.49 -10.43
C ALA B 221 16.02 -19.08 -10.09
N ILE B 222 17.02 -18.19 -9.96
CA ILE B 222 18.37 -18.58 -9.63
C ILE B 222 18.89 -17.68 -8.51
N MSE B 223 19.50 -18.29 -7.52
CA MSE B 223 20.13 -17.54 -6.44
C MSE B 223 21.62 -17.48 -6.68
O MSE B 223 22.27 -18.49 -6.96
CB MSE B 223 19.88 -18.18 -5.11
CG MSE B 223 20.47 -17.36 -3.97
SE MSE B 223 20.49 -18.41 -2.35
CE MSE B 223 19.11 -17.57 -1.37
N THR B 224 22.18 -16.27 -6.54
CA THR B 224 23.57 -16.05 -6.81
C THR B 224 24.38 -16.21 -5.54
N ALA B 225 25.64 -16.52 -5.73
CA ALA B 225 26.58 -16.73 -4.64
C ALA B 225 27.54 -15.55 -4.47
N HIS B 226 27.90 -15.24 -3.23
CA HIS B 226 28.92 -14.22 -2.95
C HIS B 226 30.34 -14.79 -3.17
N ILE B 227 30.66 -15.22 -4.38
CA ILE B 227 31.95 -15.85 -4.66
C ILE B 227 32.61 -15.14 -5.82
N VAL B 228 33.92 -14.99 -5.78
CA VAL B 228 34.71 -14.34 -6.82
C VAL B 228 35.27 -15.40 -7.76
N TYR B 229 34.92 -15.30 -9.05
CA TYR B 229 35.45 -16.22 -10.06
C TYR B 229 36.45 -15.49 -10.92
N ASP B 230 37.74 -15.77 -10.70
CA ASP B 230 38.85 -15.17 -11.46
C ASP B 230 38.62 -15.19 -12.96
N ALA B 231 38.11 -16.29 -13.50
CA ALA B 231 37.99 -16.43 -14.93
C ALA B 231 36.81 -15.64 -15.50
N LEU B 232 35.91 -15.16 -14.64
CA LEU B 232 34.70 -14.40 -15.05
C LEU B 232 34.75 -12.92 -14.68
N ASP B 233 35.15 -12.62 -13.44
CA ASP B 233 35.25 -11.26 -12.92
C ASP B 233 36.12 -11.34 -11.68
N ALA B 234 37.36 -10.92 -11.82
CA ALA B 234 38.35 -11.05 -10.77
C ALA B 234 38.15 -10.02 -9.66
N GLU B 235 37.26 -9.06 -9.88
CA GLU B 235 37.07 -7.92 -8.98
C GLU B 235 35.83 -7.99 -8.09
N HIS B 236 34.81 -8.70 -8.50
CA HIS B 236 33.54 -8.63 -7.79
C HIS B 236 33.00 -10.02 -7.50
N PRO B 237 32.41 -10.22 -6.31
CA PRO B 237 31.64 -11.48 -6.12
C PRO B 237 30.51 -11.51 -7.13
N ALA B 238 30.07 -12.71 -7.50
CA ALA B 238 29.02 -12.88 -8.53
C ALA B 238 27.76 -12.01 -8.28
N THR B 239 27.36 -11.90 -7.01
CA THR B 239 26.14 -11.19 -6.67
C THR B 239 26.28 -9.71 -6.99
N LEU B 240 27.53 -9.24 -7.14
CA LEU B 240 27.76 -7.82 -7.43
C LEU B 240 28.43 -7.60 -8.77
N SER B 241 28.40 -8.60 -9.64
CA SER B 241 29.16 -8.55 -10.88
C SER B 241 28.28 -8.37 -12.10
N PRO B 242 28.30 -7.17 -12.71
CA PRO B 242 27.55 -7.04 -13.98
C PRO B 242 28.02 -8.02 -15.07
N ARG B 243 29.32 -8.35 -15.11
CA ARG B 243 29.83 -9.30 -16.09
C ARG B 243 29.15 -10.67 -15.92
N ILE B 244 28.93 -11.07 -14.66
CA ILE B 244 28.33 -12.38 -14.42
C ILE B 244 26.81 -12.35 -14.55
N LEU B 245 26.16 -11.45 -13.82
CA LEU B 245 24.71 -11.43 -13.81
C LEU B 245 24.11 -10.99 -15.13
N THR B 246 24.69 -9.96 -15.76
CA THR B 246 24.18 -9.47 -17.04
C THR B 246 24.94 -10.08 -18.22
N GLY B 247 26.25 -9.92 -18.25
CA GLY B 247 27.05 -10.43 -19.37
C GLY B 247 26.80 -11.92 -19.64
N LEU B 248 27.01 -12.73 -18.61
CA LEU B 248 26.85 -14.16 -18.77
C LEU B 248 25.38 -14.63 -18.77
N LEU B 249 24.71 -14.50 -17.62
CA LEU B 249 23.38 -15.06 -17.46
C LEU B 249 22.36 -14.50 -18.44
N ARG B 250 22.27 -13.17 -18.52
CA ARG B 250 21.27 -12.52 -19.36
C ARG B 250 21.61 -12.50 -20.82
N GLU B 251 22.82 -12.08 -21.16
CA GLU B 251 23.17 -11.85 -22.57
C GLU B 251 23.69 -13.11 -23.28
N GLU B 252 24.71 -13.76 -22.76
CA GLU B 252 25.22 -15.00 -23.35
C GLU B 252 24.19 -16.13 -23.29
N TRP B 253 23.62 -16.35 -22.11
CA TRP B 253 22.73 -17.48 -21.93
C TRP B 253 21.29 -17.16 -22.24
N GLY B 254 20.94 -15.88 -22.32
CA GLY B 254 19.56 -15.50 -22.64
C GLY B 254 18.57 -15.79 -21.51
N TYR B 255 19.05 -15.84 -20.27
CA TYR B 255 18.18 -16.14 -19.13
C TYR B 255 17.21 -15.01 -18.78
N ASP B 256 15.92 -15.33 -18.77
CA ASP B 256 14.90 -14.33 -18.44
C ASP B 256 14.13 -14.63 -17.13
N GLY B 257 14.61 -15.56 -16.32
CA GLY B 257 13.97 -15.81 -15.03
C GLY B 257 14.47 -14.85 -13.95
N VAL B 258 14.05 -15.10 -12.71
CA VAL B 258 14.35 -14.22 -11.59
C VAL B 258 15.78 -14.50 -11.09
N ILE B 259 16.56 -13.44 -10.91
CA ILE B 259 17.85 -13.59 -10.22
C ILE B 259 17.71 -12.95 -8.86
N VAL B 260 18.04 -13.73 -7.83
CA VAL B 260 18.00 -13.27 -6.45
C VAL B 260 19.40 -13.39 -5.84
N THR B 261 19.78 -12.44 -4.99
CA THR B 261 21.07 -12.48 -4.32
C THR B 261 20.99 -13.41 -3.14
N ASP B 262 22.09 -14.06 -2.80
CA ASP B 262 22.17 -14.72 -1.50
C ASP B 262 22.00 -13.66 -0.39
N SER B 263 21.78 -14.14 0.83
CA SER B 263 21.58 -13.23 1.96
C SER B 263 22.69 -12.18 2.10
N MSE B 264 22.33 -10.90 2.18
CA MSE B 264 23.36 -9.85 2.27
C MSE B 264 23.93 -9.73 3.68
O MSE B 264 24.91 -9.00 3.89
CB MSE B 264 22.84 -8.49 1.77
CG MSE B 264 22.23 -8.47 0.36
SE MSE B 264 23.38 -9.15 -1.08
CE MSE B 264 24.81 -7.82 -1.07
N GLY B 265 23.32 -10.43 4.63
CA GLY B 265 23.75 -10.49 6.02
C GLY B 265 24.87 -11.48 6.33
N MSE B 266 25.48 -12.04 5.31
CA MSE B 266 26.57 -12.98 5.52
C MSE B 266 27.93 -12.28 5.70
O MSE B 266 28.23 -11.28 5.03
CB MSE B 266 26.60 -14.04 4.40
CG MSE B 266 25.41 -15.01 4.50
SE MSE B 266 25.27 -16.28 3.05
CE MSE B 266 26.83 -17.41 3.44
N GLN B 267 28.72 -12.81 6.62
CA GLN B 267 29.86 -12.12 7.21
C GLN B 267 30.89 -11.56 6.22
N ALA B 268 31.30 -12.37 5.25
CA ALA B 268 32.28 -11.92 4.25
C ALA B 268 31.81 -10.66 3.50
N ILE B 269 30.53 -10.63 3.10
CA ILE B 269 29.97 -9.45 2.43
C ILE B 269 29.92 -8.27 3.40
N ASP B 270 29.34 -8.51 4.57
CA ASP B 270 29.09 -7.46 5.53
C ASP B 270 30.40 -6.80 5.99
N ALA B 271 31.51 -7.55 5.97
CA ALA B 271 32.82 -7.00 6.35
C ALA B 271 33.48 -6.20 5.24
N ASN B 272 32.95 -6.27 4.03
CA ASN B 272 33.56 -5.64 2.87
C ASN B 272 32.76 -4.52 2.21
N TYR B 273 31.45 -4.51 2.45
CA TYR B 273 30.52 -3.55 1.87
C TYR B 273 29.57 -3.03 2.95
N GLY B 274 28.98 -1.86 2.72
CA GLY B 274 27.82 -1.41 3.51
C GLY B 274 26.57 -2.07 2.94
N ARG B 275 25.55 -2.27 3.77
CA ARG B 275 24.34 -2.98 3.38
C ARG B 275 23.67 -2.38 2.15
N GLY B 276 23.38 -1.09 2.25
CA GLY B 276 22.66 -0.35 1.22
C GLY B 276 23.40 -0.27 -0.09
N GLU B 277 24.68 0.08 -0.01
CA GLU B 277 25.57 0.07 -1.16
C GLU B 277 25.55 -1.29 -1.89
N ALA B 278 25.67 -2.39 -1.15
CA ALA B 278 25.74 -3.71 -1.75
C ALA B 278 24.43 -4.05 -2.48
N ALA B 279 23.30 -3.70 -1.87
CA ALA B 279 21.99 -4.01 -2.43
C ALA B 279 21.76 -3.23 -3.73
N VAL B 280 22.13 -1.96 -3.73
CA VAL B 280 22.02 -1.15 -4.94
C VAL B 280 22.94 -1.71 -6.03
N ARG B 281 24.16 -2.08 -5.66
CA ARG B 281 25.09 -2.64 -6.64
C ARG B 281 24.56 -3.96 -7.24
N ALA B 282 23.97 -4.83 -6.40
CA ALA B 282 23.41 -6.09 -6.89
C ALA B 282 22.29 -5.83 -7.89
N LEU B 283 21.41 -4.86 -7.60
CA LEU B 283 20.33 -4.55 -8.51
C LEU B 283 20.86 -3.99 -9.83
N ARG B 284 21.84 -3.08 -9.77
CA ARG B 284 22.46 -2.52 -10.98
C ARG B 284 23.14 -3.62 -11.78
N ALA B 285 23.83 -4.52 -11.07
CA ALA B 285 24.56 -5.59 -11.74
C ALA B 285 23.63 -6.54 -12.53
N GLY B 286 22.36 -6.61 -12.14
CA GLY B 286 21.43 -7.50 -12.80
C GLY B 286 20.48 -8.36 -11.97
N ALA B 287 20.60 -8.34 -10.64
CA ALA B 287 19.64 -9.01 -9.76
C ALA B 287 18.26 -8.37 -9.89
N ASP B 288 17.21 -9.17 -9.81
CA ASP B 288 15.83 -8.65 -9.72
C ASP B 288 15.40 -8.45 -8.27
N LEU B 289 16.04 -9.16 -7.35
CA LEU B 289 15.53 -9.30 -5.99
C LEU B 289 16.70 -9.36 -5.04
N VAL B 290 16.67 -8.52 -4.00
CA VAL B 290 17.75 -8.55 -3.01
C VAL B 290 17.21 -9.15 -1.71
N MSE B 291 17.87 -10.18 -1.19
CA MSE B 291 17.53 -10.72 0.13
C MSE B 291 18.08 -9.79 1.19
O MSE B 291 19.25 -9.80 1.42
CB MSE B 291 18.15 -12.09 0.36
CG MSE B 291 17.65 -13.12 -0.61
SE MSE B 291 17.97 -14.91 0.01
CE MSE B 291 16.63 -14.79 1.41
N ALA B 292 17.24 -9.03 1.87
CA ALA B 292 17.70 -8.08 2.87
C ALA B 292 17.32 -8.66 4.23
N LEU B 293 18.10 -9.63 4.71
CA LEU B 293 17.81 -10.33 5.96
C LEU B 293 18.42 -9.61 7.15
N GLY B 294 17.73 -9.68 8.27
CA GLY B 294 18.26 -9.12 9.51
C GLY B 294 17.20 -8.33 10.22
N ARG B 295 17.63 -7.60 11.25
N ARG B 295 17.63 -7.60 11.25
CA ARG B 295 16.74 -6.81 12.09
CA ARG B 295 16.73 -6.84 12.09
C ARG B 295 16.16 -5.67 11.29
C ARG B 295 16.18 -5.65 11.32
N ARG B 296 15.08 -5.09 11.81
CA ARG B 296 14.35 -4.01 11.14
C ARG B 296 15.25 -2.84 10.70
N GLU B 297 16.16 -2.44 11.58
CA GLU B 297 17.11 -1.37 11.29
C GLU B 297 17.98 -1.62 10.07
N VAL B 298 18.47 -2.85 9.87
CA VAL B 298 19.22 -3.12 8.63
C VAL B 298 18.35 -3.21 7.39
N GLN B 299 17.13 -3.70 7.56
CA GLN B 299 16.16 -3.71 6.46
C GLN B 299 15.87 -2.28 6.02
N GLN B 300 15.66 -1.41 7.01
CA GLN B 300 15.35 -0.01 6.77
C GLN B 300 16.50 0.71 6.07
N ALA B 301 17.73 0.39 6.43
CA ALA B 301 18.86 1.02 5.78
C ALA B 301 18.95 0.57 4.33
N THR B 302 18.60 -0.68 4.08
CA THR B 302 18.59 -1.20 2.71
C THR B 302 17.50 -0.52 1.89
N LEU B 303 16.28 -0.44 2.44
CA LEU B 303 15.20 0.28 1.79
C LEU B 303 15.59 1.72 1.44
N ALA B 304 16.22 2.42 2.39
CA ALA B 304 16.62 3.81 2.19
C ALA B 304 17.58 3.95 1.00
N ALA B 305 18.52 3.02 0.90
CA ALA B 305 19.47 3.07 -0.21
C ALA B 305 18.77 2.75 -1.52
N VAL B 306 17.91 1.73 -1.52
CA VAL B 306 17.23 1.38 -2.76
C VAL B 306 16.26 2.50 -3.17
N ALA B 307 15.73 3.24 -2.18
CA ALA B 307 14.81 4.36 -2.44
C ALA B 307 15.49 5.47 -3.24
N GLU B 308 16.80 5.61 -3.08
CA GLU B 308 17.55 6.62 -3.84
C GLU B 308 17.84 6.20 -5.28
N TYR B 309 18.00 4.89 -5.49
CA TYR B 309 18.30 4.27 -6.78
C TYR B 309 17.09 4.20 -7.73
N VAL B 310 15.98 3.71 -7.22
CA VAL B 310 14.75 3.47 -7.97
C VAL B 310 14.26 4.65 -8.83
N PRO B 311 14.23 5.89 -8.28
CA PRO B 311 13.68 7.02 -9.09
C PRO B 311 14.44 7.32 -10.37
N GLU B 312 15.72 7.02 -10.41
CA GLU B 312 16.47 7.33 -11.62
C GLU B 312 16.63 6.11 -12.54
N ASN B 313 15.99 5.00 -12.19
CA ASN B 313 16.19 3.75 -12.92
C ASN B 313 14.85 3.01 -13.13
N GLN B 314 13.80 3.80 -13.36
CA GLN B 314 12.43 3.30 -13.39
C GLN B 314 12.19 2.18 -14.42
N ALA B 315 12.70 2.32 -15.64
CA ALA B 315 12.48 1.33 -16.68
C ALA B 315 13.14 -0.01 -16.32
N ALA B 316 14.37 0.07 -15.81
CA ALA B 316 15.10 -1.10 -15.41
C ALA B 316 14.41 -1.79 -14.23
N VAL B 317 13.99 -1.03 -13.22
CA VAL B 317 13.35 -1.68 -12.07
C VAL B 317 11.93 -2.19 -12.39
N ALA B 318 11.25 -1.53 -13.33
CA ALA B 318 9.97 -2.05 -13.84
C ALA B 318 10.13 -3.46 -14.39
N THR B 319 11.18 -3.67 -15.16
CA THR B 319 11.50 -4.97 -15.75
C THR B 319 11.77 -6.00 -14.64
N LYS B 320 12.55 -5.60 -13.61
CA LYS B 320 12.83 -6.50 -12.49
C LYS B 320 11.53 -6.89 -11.75
N ARG B 321 10.70 -5.89 -11.45
CA ARG B 321 9.44 -6.19 -10.76
C ARG B 321 8.51 -7.08 -11.59
N GLU B 322 8.48 -6.86 -12.91
CA GLU B 322 7.66 -7.69 -13.77
C GLU B 322 8.10 -9.17 -13.76
N ARG B 323 9.41 -9.43 -13.64
CA ARG B 323 9.89 -10.82 -13.54
C ARG B 323 9.36 -11.50 -12.26
N LEU B 324 9.37 -10.73 -11.17
CA LEU B 324 8.84 -11.17 -9.88
C LEU B 324 7.33 -11.41 -9.93
N ARG B 325 6.60 -10.49 -10.55
CA ARG B 325 5.17 -10.64 -10.68
C ARG B 325 4.78 -11.80 -11.59
N ALA B 326 5.55 -12.03 -12.66
CA ALA B 326 5.29 -13.16 -13.56
C ALA B 326 5.45 -14.49 -12.83
N LEU B 327 6.44 -14.54 -11.94
CA LEU B 327 6.69 -15.71 -11.12
C LEU B 327 5.51 -15.99 -10.19
N ALA B 328 5.07 -14.97 -9.44
CA ALA B 328 3.91 -15.12 -8.57
C ALA B 328 2.62 -15.46 -9.31
N ARG B 329 2.49 -14.98 -10.56
CA ARG B 329 1.30 -15.24 -11.38
C ARG B 329 1.30 -16.73 -11.80
N ARG B 330 2.49 -17.25 -12.10
CA ARG B 330 2.63 -18.63 -12.53
C ARG B 330 2.49 -19.56 -11.31
N PHE B 331 3.03 -19.11 -10.18
CA PHE B 331 3.03 -19.86 -8.92
C PHE B 331 2.37 -19.06 -7.79
N PRO B 332 1.04 -18.90 -7.84
CA PRO B 332 0.35 -18.08 -6.84
C PRO B 332 0.46 -18.66 -5.42
N ALA B 333 0.65 -17.78 -4.44
CA ALA B 333 0.77 -18.21 -3.05
C ALA B 333 -0.53 -18.73 -2.45
N GLN B 334 -1.65 -18.03 -2.63
CA GLN B 334 -2.89 -18.45 -1.97
C GLN B 334 -3.04 -20.00 -1.95
N ALA B 335 -3.13 -20.56 -0.73
CA ALA B 335 -3.16 -22.00 -0.47
C ALA B 335 -4.39 -22.68 -1.05
#